data_5IP8
# 
_entry.id   5IP8 
# 
_audit_conform.dict_name       mmcif_pdbx.dic 
_audit_conform.dict_version    5.391 
_audit_conform.dict_location   http://mmcif.pdb.org/dictionaries/ascii/mmcif_pdbx.dic 
# 
loop_
_database_2.database_id 
_database_2.database_code 
_database_2.pdbx_database_accession 
_database_2.pdbx_DOI 
PDB   5IP8         pdb_00005ip8 10.2210/pdb5ip8/pdb 
WWPDB D_1000219217 ?            ?                   
# 
loop_
_pdbx_audit_revision_history.ordinal 
_pdbx_audit_revision_history.data_content_type 
_pdbx_audit_revision_history.major_revision 
_pdbx_audit_revision_history.minor_revision 
_pdbx_audit_revision_history.revision_date 
1 'Structure model' 1 0 2017-03-29 
2 'Structure model' 1 1 2017-08-30 
3 'Structure model' 1 2 2024-05-08 
# 
_pdbx_audit_revision_details.ordinal             1 
_pdbx_audit_revision_details.revision_ordinal    1 
_pdbx_audit_revision_details.data_content_type   'Structure model' 
_pdbx_audit_revision_details.provider            repository 
_pdbx_audit_revision_details.type                'Initial release' 
_pdbx_audit_revision_details.description         ? 
_pdbx_audit_revision_details.details             ? 
# 
loop_
_pdbx_audit_revision_group.ordinal 
_pdbx_audit_revision_group.revision_ordinal 
_pdbx_audit_revision_group.data_content_type 
_pdbx_audit_revision_group.group 
1 2 'Structure model' 'Author supporting evidence' 
2 3 'Structure model' 'Data collection'            
3 3 'Structure model' 'Database references'        
4 3 'Structure model' 'Derived calculations'       
# 
loop_
_pdbx_audit_revision_category.ordinal 
_pdbx_audit_revision_category.revision_ordinal 
_pdbx_audit_revision_category.data_content_type 
_pdbx_audit_revision_category.category 
1 2 'Structure model' pdbx_audit_support     
2 3 'Structure model' chem_comp_atom         
3 3 'Structure model' chem_comp_bond         
4 3 'Structure model' database_2             
5 3 'Structure model' pdbx_struct_conn_angle 
6 3 'Structure model' struct_conn            
# 
loop_
_pdbx_audit_revision_item.ordinal 
_pdbx_audit_revision_item.revision_ordinal 
_pdbx_audit_revision_item.data_content_type 
_pdbx_audit_revision_item.item 
1  2 'Structure model' '_pdbx_audit_support.funding_organization'    
2  3 'Structure model' '_database_2.pdbx_DOI'                        
3  3 'Structure model' '_database_2.pdbx_database_accession'         
4  3 'Structure model' '_pdbx_struct_conn_angle.ptnr1_auth_asym_id'  
5  3 'Structure model' '_pdbx_struct_conn_angle.ptnr1_auth_comp_id'  
6  3 'Structure model' '_pdbx_struct_conn_angle.ptnr1_auth_seq_id'   
7  3 'Structure model' '_pdbx_struct_conn_angle.ptnr1_label_asym_id' 
8  3 'Structure model' '_pdbx_struct_conn_angle.ptnr1_label_atom_id' 
9  3 'Structure model' '_pdbx_struct_conn_angle.ptnr1_label_comp_id' 
10 3 'Structure model' '_pdbx_struct_conn_angle.ptnr1_label_seq_id'  
11 3 'Structure model' '_pdbx_struct_conn_angle.ptnr3_auth_asym_id'  
12 3 'Structure model' '_pdbx_struct_conn_angle.ptnr3_auth_comp_id'  
13 3 'Structure model' '_pdbx_struct_conn_angle.ptnr3_auth_seq_id'   
14 3 'Structure model' '_pdbx_struct_conn_angle.ptnr3_label_asym_id' 
15 3 'Structure model' '_pdbx_struct_conn_angle.ptnr3_label_atom_id' 
16 3 'Structure model' '_pdbx_struct_conn_angle.ptnr3_label_comp_id' 
17 3 'Structure model' '_pdbx_struct_conn_angle.ptnr3_label_seq_id'  
18 3 'Structure model' '_pdbx_struct_conn_angle.value'               
19 3 'Structure model' '_struct_conn.pdbx_dist_value'                
20 3 'Structure model' '_struct_conn.ptnr1_auth_asym_id'             
21 3 'Structure model' '_struct_conn.ptnr1_auth_comp_id'             
22 3 'Structure model' '_struct_conn.ptnr1_auth_seq_id'              
23 3 'Structure model' '_struct_conn.ptnr1_label_asym_id'            
24 3 'Structure model' '_struct_conn.ptnr1_label_atom_id'            
25 3 'Structure model' '_struct_conn.ptnr1_label_comp_id'            
26 3 'Structure model' '_struct_conn.ptnr1_label_seq_id'             
27 3 'Structure model' '_struct_conn.ptnr2_auth_asym_id'             
28 3 'Structure model' '_struct_conn.ptnr2_auth_comp_id'             
29 3 'Structure model' '_struct_conn.ptnr2_auth_seq_id'              
30 3 'Structure model' '_struct_conn.ptnr2_label_asym_id'            
31 3 'Structure model' '_struct_conn.ptnr2_label_atom_id'            
32 3 'Structure model' '_struct_conn.ptnr2_label_comp_id'            
# 
_pdbx_database_status.status_code                     REL 
_pdbx_database_status.status_code_sf                  REL 
_pdbx_database_status.status_code_mr                  ? 
_pdbx_database_status.entry_id                        5IP8 
_pdbx_database_status.recvd_initial_deposition_date   2016-03-09 
_pdbx_database_status.SG_entry                        N 
_pdbx_database_status.deposit_site                    RCSB 
_pdbx_database_status.process_site                    PDBE 
_pdbx_database_status.status_code_cs                  ? 
_pdbx_database_status.methods_development_category    ? 
_pdbx_database_status.pdb_format_compatible           Y 
_pdbx_database_status.status_code_nmr_data            ? 
# 
loop_
_audit_author.name 
_audit_author.pdbx_ordinal 
'Souter, J.E.' 1 
'Hall, J.P.'   2 
'Cardin, C.J.' 3 
# 
_citation.abstract                  ? 
_citation.abstract_id_CAS           ? 
_citation.book_id_ISBN              ? 
_citation.book_publisher            ? 
_citation.book_publisher_city       ? 
_citation.book_title                ? 
_citation.coordinate_linkage        ? 
_citation.country                   ? 
_citation.database_id_Medline       ? 
_citation.details                   ? 
_citation.id                        primary 
_citation.journal_abbrev            'To Be Published' 
_citation.journal_id_ASTM           ? 
_citation.journal_id_CSD            0353 
_citation.journal_id_ISSN           ? 
_citation.journal_full              ? 
_citation.journal_issue             ? 
_citation.journal_volume            ? 
_citation.language                  ? 
_citation.page_first                ? 
_citation.page_last                 ? 
_citation.title                     'Sequence specific binding of light activated Ru-polypyridyls' 
_citation.year                      ? 
_citation.database_id_CSD           ? 
_citation.pdbx_database_id_DOI      ? 
_citation.pdbx_database_id_PubMed   ? 
_citation.unpublished_flag          ? 
# 
loop_
_citation_author.citation_id 
_citation_author.name 
_citation_author.ordinal 
_citation_author.identifier_ORCID 
primary 'Hall, J.P.'   1 ? 
primary 'Souter, J.E.' 2 ? 
primary 'Gurung, S.P.' 3 ? 
primary 'Cardin, C.J.' 4 ? 
# 
loop_
_entity.id 
_entity.type 
_entity.src_method 
_entity.pdbx_description 
_entity.formula_weight 
_entity.pdbx_number_of_molecules 
_entity.pdbx_ec 
_entity.pdbx_mutation 
_entity.pdbx_fragment 
_entity.details 
1 polymer     syn 
;DNA (5'-D(*CP*CP*GP*GP*AP*GP*CP*CP*GP*G)-3')
;
3071.005 1  ? ? ? ? 
2 polymer     syn 
;DNA (5'-D(*CP*CP*GP*GP*CP*TP*CP*CP*GP*G)-3')
;
3021.968 1  ? ? ? ? 
3 non-polymer syn 'BARIUM ION'                                   137.327  2  ? ? ? ? 
4 non-polymer syn 'Ru(tap)2(dppz) complex'                       747.732  2  ? ? ? ? 
5 water       nat water                                          18.015   69 ? ? ? ? 
# 
loop_
_entity_poly.entity_id 
_entity_poly.type 
_entity_poly.nstd_linkage 
_entity_poly.nstd_monomer 
_entity_poly.pdbx_seq_one_letter_code 
_entity_poly.pdbx_seq_one_letter_code_can 
_entity_poly.pdbx_strand_id 
_entity_poly.pdbx_target_identifier 
1 polydeoxyribonucleotide no no '(DC)(DC)(DG)(DG)(DA)(DG)(DC)(DC)(DG)(DG)' CCGGAGCCGG B ? 
2 polydeoxyribonucleotide no no '(DC)(DC)(DG)(DG)(DC)(DT)(DC)(DC)(DG)(DG)' CCGGCTCCGG A ? 
# 
loop_
_pdbx_entity_nonpoly.entity_id 
_pdbx_entity_nonpoly.name 
_pdbx_entity_nonpoly.comp_id 
3 'BARIUM ION'             BA  
4 'Ru(tap)2(dppz) complex' RKL 
5 water                    HOH 
# 
loop_
_entity_poly_seq.entity_id 
_entity_poly_seq.num 
_entity_poly_seq.mon_id 
_entity_poly_seq.hetero 
1 1  DC n 
1 2  DC n 
1 3  DG n 
1 4  DG n 
1 5  DA n 
1 6  DG n 
1 7  DC n 
1 8  DC n 
1 9  DG n 
1 10 DG n 
2 1  DC n 
2 2  DC n 
2 3  DG n 
2 4  DG n 
2 5  DC n 
2 6  DT n 
2 7  DC n 
2 8  DC n 
2 9  DG n 
2 10 DG n 
# 
loop_
_pdbx_entity_src_syn.entity_id 
_pdbx_entity_src_syn.pdbx_src_id 
_pdbx_entity_src_syn.pdbx_alt_source_flag 
_pdbx_entity_src_syn.pdbx_beg_seq_num 
_pdbx_entity_src_syn.pdbx_end_seq_num 
_pdbx_entity_src_syn.organism_scientific 
_pdbx_entity_src_syn.organism_common_name 
_pdbx_entity_src_syn.ncbi_taxonomy_id 
_pdbx_entity_src_syn.details 
1 1 sample 1 10 'synthetic construct' ? 32630 ? 
2 1 sample 1 10 'synthetic construct' ? 32630 ? 
# 
loop_
_chem_comp.id 
_chem_comp.type 
_chem_comp.mon_nstd_flag 
_chem_comp.name 
_chem_comp.pdbx_synonyms 
_chem_comp.formula 
_chem_comp.formula_weight 
BA  non-polymer   . 'BARIUM ION'                         ? 'Ba 2'             137.327 
DA  'DNA linking' y "2'-DEOXYADENOSINE-5'-MONOPHOSPHATE" ? 'C10 H14 N5 O6 P'  331.222 
DC  'DNA linking' y "2'-DEOXYCYTIDINE-5'-MONOPHOSPHATE"  ? 'C9 H14 N3 O7 P'   307.197 
DG  'DNA linking' y "2'-DEOXYGUANOSINE-5'-MONOPHOSPHATE" ? 'C10 H14 N5 O7 P'  347.221 
DT  'DNA linking' y "THYMIDINE-5'-MONOPHOSPHATE"         ? 'C10 H15 N2 O8 P'  322.208 
HOH non-polymer   . WATER                                ? 'H2 O'             18.015  
RKL non-polymer   . 'Ru(tap)2(dppz) complex'             ? 'C38 H22 N12 Ru 2' 747.732 
# 
loop_
_pdbx_poly_seq_scheme.asym_id 
_pdbx_poly_seq_scheme.entity_id 
_pdbx_poly_seq_scheme.seq_id 
_pdbx_poly_seq_scheme.mon_id 
_pdbx_poly_seq_scheme.ndb_seq_num 
_pdbx_poly_seq_scheme.pdb_seq_num 
_pdbx_poly_seq_scheme.auth_seq_num 
_pdbx_poly_seq_scheme.pdb_mon_id 
_pdbx_poly_seq_scheme.auth_mon_id 
_pdbx_poly_seq_scheme.pdb_strand_id 
_pdbx_poly_seq_scheme.pdb_ins_code 
_pdbx_poly_seq_scheme.hetero 
A 1 1  DC 1  1  1  DC DC B . n 
A 1 2  DC 2  2  2  DC DC B . n 
A 1 3  DG 3  3  3  DG DG B . n 
A 1 4  DG 4  4  4  DG DG B . n 
A 1 5  DA 5  5  5  DA DA B . n 
A 1 6  DG 6  6  6  DG DG B . n 
A 1 7  DC 7  7  7  DC DC B . n 
A 1 8  DC 8  8  8  DC DC B . n 
A 1 9  DG 9  9  9  DG DG B . n 
A 1 10 DG 10 10 10 DG DG B . n 
B 2 1  DC 1  1  1  DC DC A . n 
B 2 2  DC 2  2  2  DC DC A . n 
B 2 3  DG 3  3  3  DG DG A . n 
B 2 4  DG 4  4  4  DG DG A . n 
B 2 5  DC 5  5  5  DC DC A . n 
B 2 6  DT 6  6  6  DT DT A . n 
B 2 7  DC 7  7  7  DC DC A . n 
B 2 8  DC 8  8  8  DC DC A . n 
B 2 9  DG 9  9  9  DG DG A . n 
B 2 10 DG 10 10 10 DG DG A . n 
# 
loop_
_pdbx_nonpoly_scheme.asym_id 
_pdbx_nonpoly_scheme.entity_id 
_pdbx_nonpoly_scheme.mon_id 
_pdbx_nonpoly_scheme.ndb_seq_num 
_pdbx_nonpoly_scheme.pdb_seq_num 
_pdbx_nonpoly_scheme.auth_seq_num 
_pdbx_nonpoly_scheme.pdb_mon_id 
_pdbx_nonpoly_scheme.auth_mon_id 
_pdbx_nonpoly_scheme.pdb_strand_id 
_pdbx_nonpoly_scheme.pdb_ins_code 
C 3 BA  1  101 1  BA  BA  B . 
D 4 RKL 1  102 3  RKL RKL B . 
E 4 RKL 1  103 4  RKL RKL B . 
F 3 BA  1  101 2  BA  BA  A . 
G 5 HOH 1  201 66 HOH HOH B . 
G 5 HOH 2  202 95 HOH HOH B . 
G 5 HOH 3  203 21 HOH HOH B . 
G 5 HOH 4  204 33 HOH HOH B . 
G 5 HOH 5  205 16 HOH HOH B . 
G 5 HOH 6  206 65 HOH HOH B . 
G 5 HOH 7  207 11 HOH HOH B . 
G 5 HOH 8  208 91 HOH HOH B . 
G 5 HOH 9  209 56 HOH HOH B . 
G 5 HOH 10 210 82 HOH HOH B . 
G 5 HOH 11 211 84 HOH HOH B . 
G 5 HOH 12 212 53 HOH HOH B . 
G 5 HOH 13 213 73 HOH HOH B . 
G 5 HOH 14 214 17 HOH HOH B . 
G 5 HOH 15 215 14 HOH HOH B . 
G 5 HOH 16 216 39 HOH HOH B . 
G 5 HOH 17 217 34 HOH HOH B . 
G 5 HOH 18 218 60 HOH HOH B . 
G 5 HOH 19 219 7  HOH HOH B . 
G 5 HOH 20 220 78 HOH HOH B . 
G 5 HOH 21 221 68 HOH HOH B . 
G 5 HOH 22 222 32 HOH HOH B . 
G 5 HOH 23 223 64 HOH HOH B . 
G 5 HOH 24 224 24 HOH HOH B . 
G 5 HOH 25 225 72 HOH HOH B . 
G 5 HOH 26 226 76 HOH HOH B . 
G 5 HOH 27 227 37 HOH HOH B . 
G 5 HOH 28 228 18 HOH HOH B . 
G 5 HOH 29 229 38 HOH HOH B . 
G 5 HOH 30 230 1  HOH HOH B . 
G 5 HOH 31 231 80 HOH HOH B . 
G 5 HOH 32 232 85 HOH HOH B . 
G 5 HOH 33 233 13 HOH HOH B . 
G 5 HOH 34 234 93 HOH HOH B . 
G 5 HOH 35 235 94 HOH HOH B . 
G 5 HOH 36 236 59 HOH HOH B . 
G 5 HOH 37 237 8  HOH HOH B . 
G 5 HOH 38 238 44 HOH HOH B . 
G 5 HOH 39 239 42 HOH HOH B . 
G 5 HOH 40 240 88 HOH HOH B . 
H 5 HOH 1  201 54 HOH HOH A . 
H 5 HOH 2  202 19 HOH HOH A . 
H 5 HOH 3  203 9  HOH HOH A . 
H 5 HOH 4  204 41 HOH HOH A . 
H 5 HOH 5  205 23 HOH HOH A . 
H 5 HOH 6  206 43 HOH HOH A . 
H 5 HOH 7  207 5  HOH HOH A . 
H 5 HOH 8  208 47 HOH HOH A . 
H 5 HOH 9  209 20 HOH HOH A . 
H 5 HOH 10 210 4  HOH HOH A . 
H 5 HOH 11 211 45 HOH HOH A . 
H 5 HOH 12 212 92 HOH HOH A . 
H 5 HOH 13 213 22 HOH HOH A . 
H 5 HOH 14 214 50 HOH HOH A . 
H 5 HOH 15 215 49 HOH HOH A . 
H 5 HOH 16 216 58 HOH HOH A . 
H 5 HOH 17 217 61 HOH HOH A . 
H 5 HOH 18 218 3  HOH HOH A . 
H 5 HOH 19 219 86 HOH HOH A . 
H 5 HOH 20 220 83 HOH HOH A . 
H 5 HOH 21 221 89 HOH HOH A . 
H 5 HOH 22 222 10 HOH HOH A . 
H 5 HOH 23 223 12 HOH HOH A . 
H 5 HOH 24 224 87 HOH HOH A . 
H 5 HOH 25 225 69 HOH HOH A . 
H 5 HOH 26 226 28 HOH HOH A . 
H 5 HOH 27 227 90 HOH HOH A . 
H 5 HOH 28 228 63 HOH HOH A . 
H 5 HOH 29 229 25 HOH HOH A . 
# 
loop_
_software.citation_id 
_software.classification 
_software.compiler_name 
_software.compiler_version 
_software.contact_author 
_software.contact_author_email 
_software.date 
_software.description 
_software.dependencies 
_software.hardware 
_software.language 
_software.location 
_software.mods 
_software.name 
_software.os 
_software.os_version 
_software.type 
_software.version 
_software.pdbx_ordinal 
? refinement       ? ? ? ? ? ? ? ? ? ? ? REFMAC  ? ? ? 5.8.0135 1 
? 'data reduction' ? ? ? ? ? ? ? ? ? ? ? XDS     ? ? ? .        2 
? 'data scaling'   ? ? ? ? ? ? ? ? ? ? ? XSCALE  ? ? ? .        3 
? phasing          ? ? ? ? ? ? ? ? ? ? ? SHELXDE ? ? ? .        4 
# 
_cell.angle_alpha                  90.00 
_cell.angle_alpha_esd              ? 
_cell.angle_beta                   90.00 
_cell.angle_beta_esd               ? 
_cell.angle_gamma                  90.00 
_cell.angle_gamma_esd              ? 
_cell.entry_id                     5IP8 
_cell.details                      ? 
_cell.formula_units_Z              ? 
_cell.length_a                     47.450 
_cell.length_a_esd                 ? 
_cell.length_b                     47.450 
_cell.length_b_esd                 ? 
_cell.length_c                     35.130 
_cell.length_c_esd                 ? 
_cell.volume                       ? 
_cell.volume_esd                   ? 
_cell.Z_PDB                        4 
_cell.reciprocal_angle_alpha       ? 
_cell.reciprocal_angle_beta        ? 
_cell.reciprocal_angle_gamma       ? 
_cell.reciprocal_angle_alpha_esd   ? 
_cell.reciprocal_angle_beta_esd    ? 
_cell.reciprocal_angle_gamma_esd   ? 
_cell.reciprocal_length_a          ? 
_cell.reciprocal_length_b          ? 
_cell.reciprocal_length_c          ? 
_cell.reciprocal_length_a_esd      ? 
_cell.reciprocal_length_b_esd      ? 
_cell.reciprocal_length_c_esd      ? 
_cell.pdbx_unique_axis             ? 
# 
_symmetry.entry_id                         5IP8 
_symmetry.cell_setting                     ? 
_symmetry.Int_Tables_number                78 
_symmetry.space_group_name_Hall            ? 
_symmetry.space_group_name_H-M             'P 43' 
_symmetry.pdbx_full_space_group_name_H-M   ? 
# 
_exptl.absorpt_coefficient_mu     ? 
_exptl.absorpt_correction_T_max   ? 
_exptl.absorpt_correction_T_min   ? 
_exptl.absorpt_correction_type    ? 
_exptl.absorpt_process_details    ? 
_exptl.entry_id                   5IP8 
_exptl.crystals_number            1 
_exptl.details                    ? 
_exptl.method                     'X-RAY DIFFRACTION' 
_exptl.method_details             ? 
# 
_exptl_crystal.colour                      ? 
_exptl_crystal.density_diffrn              ? 
_exptl_crystal.density_Matthews            3.25 
_exptl_crystal.density_method              ? 
_exptl_crystal.density_percent_sol         62.10 
_exptl_crystal.description                 ? 
_exptl_crystal.F_000                       ? 
_exptl_crystal.id                          1 
_exptl_crystal.preparation                 ? 
_exptl_crystal.size_max                    ? 
_exptl_crystal.size_mid                    ? 
_exptl_crystal.size_min                    ? 
_exptl_crystal.size_rad                    ? 
_exptl_crystal.colour_lustre               ? 
_exptl_crystal.colour_modifier             ? 
_exptl_crystal.colour_primary              ? 
_exptl_crystal.density_meas                ? 
_exptl_crystal.density_meas_esd            ? 
_exptl_crystal.density_meas_gt             ? 
_exptl_crystal.density_meas_lt             ? 
_exptl_crystal.density_meas_temp           ? 
_exptl_crystal.density_meas_temp_esd       ? 
_exptl_crystal.density_meas_temp_gt        ? 
_exptl_crystal.density_meas_temp_lt        ? 
_exptl_crystal.pdbx_crystal_image_url      ? 
_exptl_crystal.pdbx_crystal_image_format   ? 
_exptl_crystal.pdbx_mosaicity              ? 
_exptl_crystal.pdbx_mosaicity_esd          ? 
# 
_exptl_crystal_grow.apparatus       ? 
_exptl_crystal_grow.atmosphere      ? 
_exptl_crystal_grow.crystal_id      1 
_exptl_crystal_grow.details         ? 
_exptl_crystal_grow.method          'VAPOR DIFFUSION, SITTING DROP' 
_exptl_crystal_grow.method_ref      ? 
_exptl_crystal_grow.pH              7 
_exptl_crystal_grow.pressure        ? 
_exptl_crystal_grow.pressure_esd    ? 
_exptl_crystal_grow.seeding         ? 
_exptl_crystal_grow.seeding_ref     ? 
_exptl_crystal_grow.temp            291 
_exptl_crystal_grow.temp_details    ? 
_exptl_crystal_grow.temp_esd        ? 
_exptl_crystal_grow.time            ? 
_exptl_crystal_grow.pdbx_details    
;6 uL of a solution containing 10% v/v MPD, 0.04M Sodium Cacodylate, 0.012M Spermine, 0.08M KCl, 0.02M BaCl2. 1uL 1mM DNA, 1uL 4mM rac-RuTAP2dppz
;
_exptl_crystal_grow.pdbx_pH_range   ? 
# 
_diffrn.ambient_environment    ? 
_diffrn.ambient_temp           100 
_diffrn.ambient_temp_details   ? 
_diffrn.ambient_temp_esd       ? 
_diffrn.crystal_id             1 
_diffrn.crystal_support        ? 
_diffrn.crystal_treatment      ? 
_diffrn.details                ? 
_diffrn.id                     1 
_diffrn.ambient_pressure       ? 
_diffrn.ambient_pressure_esd   ? 
_diffrn.ambient_pressure_gt    ? 
_diffrn.ambient_pressure_lt    ? 
_diffrn.ambient_temp_gt        ? 
_diffrn.ambient_temp_lt        ? 
# 
_diffrn_detector.details                      ? 
_diffrn_detector.detector                     PIXEL 
_diffrn_detector.diffrn_id                    1 
_diffrn_detector.type                         'DECTRIS PILATUS 6M' 
_diffrn_detector.area_resol_mean              ? 
_diffrn_detector.dtime                        ? 
_diffrn_detector.pdbx_frames_total            ? 
_diffrn_detector.pdbx_collection_time_total   ? 
_diffrn_detector.pdbx_collection_date         2008-12-08 
# 
_diffrn_radiation.collimation                      ? 
_diffrn_radiation.diffrn_id                        1 
_diffrn_radiation.filter_edge                      ? 
_diffrn_radiation.inhomogeneity                    ? 
_diffrn_radiation.monochromator                    'dual Si(111)' 
_diffrn_radiation.polarisn_norm                    ? 
_diffrn_radiation.polarisn_ratio                   ? 
_diffrn_radiation.probe                            ? 
_diffrn_radiation.type                             ? 
_diffrn_radiation.xray_symbol                      ? 
_diffrn_radiation.wavelength_id                    1 
_diffrn_radiation.pdbx_monochromatic_or_laue_m_l   M 
_diffrn_radiation.pdbx_wavelength_list             ? 
_diffrn_radiation.pdbx_wavelength                  ? 
_diffrn_radiation.pdbx_diffrn_protocol             'SINGLE WAVELENGTH' 
_diffrn_radiation.pdbx_analyzer                    ? 
_diffrn_radiation.pdbx_scattering_type             x-ray 
# 
_diffrn_radiation_wavelength.id           1 
_diffrn_radiation_wavelength.wavelength   0.9795 
_diffrn_radiation_wavelength.wt           1.0 
# 
_diffrn_source.current                     ? 
_diffrn_source.details                     ? 
_diffrn_source.diffrn_id                   1 
_diffrn_source.power                       ? 
_diffrn_source.size                        ? 
_diffrn_source.source                      SYNCHROTRON 
_diffrn_source.target                      ? 
_diffrn_source.type                        'DIAMOND BEAMLINE I02' 
_diffrn_source.voltage                     ? 
_diffrn_source.take-off_angle              ? 
_diffrn_source.pdbx_wavelength_list        0.9795 
_diffrn_source.pdbx_wavelength             ? 
_diffrn_source.pdbx_synchrotron_beamline   I02 
_diffrn_source.pdbx_synchrotron_site       Diamond 
# 
_reflns.B_iso_Wilson_estimate            ? 
_reflns.entry_id                         5IP8 
_reflns.data_reduction_details           ? 
_reflns.data_reduction_method            ? 
_reflns.d_resolution_high                1.76 
_reflns.d_resolution_low                 23.73 
_reflns.details                          ? 
_reflns.limit_h_max                      ? 
_reflns.limit_h_min                      ? 
_reflns.limit_k_max                      ? 
_reflns.limit_k_min                      ? 
_reflns.limit_l_max                      ? 
_reflns.limit_l_min                      ? 
_reflns.number_all                       ? 
_reflns.number_obs                       7868 
_reflns.observed_criterion               ? 
_reflns.observed_criterion_F_max         ? 
_reflns.observed_criterion_F_min         ? 
_reflns.observed_criterion_I_max         ? 
_reflns.observed_criterion_I_min         ? 
_reflns.observed_criterion_sigma_F       -3 
_reflns.observed_criterion_sigma_I       ? 
_reflns.percent_possible_obs             99.8 
_reflns.R_free_details                   ? 
_reflns.Rmerge_F_all                     ? 
_reflns.Rmerge_F_obs                     ? 
_reflns.Friedel_coverage                 ? 
_reflns.number_gt                        ? 
_reflns.threshold_expression             ? 
_reflns.pdbx_redundancy                  6.5 
_reflns.pdbx_Rmerge_I_obs                0.024 
_reflns.pdbx_Rmerge_I_all                ? 
_reflns.pdbx_Rsym_value                  ? 
_reflns.pdbx_netI_over_av_sigmaI         ? 
_reflns.pdbx_netI_over_sigmaI            29.8 
_reflns.pdbx_res_netI_over_av_sigmaI_2   ? 
_reflns.pdbx_res_netI_over_sigmaI_2      ? 
_reflns.pdbx_chi_squared                 ? 
_reflns.pdbx_scaling_rejects             ? 
_reflns.pdbx_d_res_high_opt              ? 
_reflns.pdbx_d_res_low_opt               ? 
_reflns.pdbx_d_res_opt_method            ? 
_reflns.phase_calculation_details        ? 
_reflns.pdbx_Rrim_I_all                  ? 
_reflns.pdbx_Rpim_I_all                  ? 
_reflns.pdbx_d_opt                       ? 
_reflns.pdbx_number_measured_all         ? 
_reflns.pdbx_diffrn_id                   1 
_reflns.pdbx_ordinal                     1 
_reflns.pdbx_CC_half                     0.999 
_reflns.pdbx_R_split                     ? 
# 
_reflns_shell.d_res_high                  1.76 
_reflns_shell.d_res_low                   1.81 
_reflns_shell.meanI_over_sigI_all         ? 
_reflns_shell.meanI_over_sigI_obs         2.2 
_reflns_shell.number_measured_all         ? 
_reflns_shell.number_measured_obs         ? 
_reflns_shell.number_possible             ? 
_reflns_shell.number_unique_all           ? 
_reflns_shell.number_unique_obs           ? 
_reflns_shell.percent_possible_all        100.00 
_reflns_shell.percent_possible_obs        ? 
_reflns_shell.Rmerge_F_all                ? 
_reflns_shell.Rmerge_F_obs                ? 
_reflns_shell.Rmerge_I_all                ? 
_reflns_shell.Rmerge_I_obs                0.728 
_reflns_shell.meanI_over_sigI_gt          ? 
_reflns_shell.meanI_over_uI_all           ? 
_reflns_shell.meanI_over_uI_gt            ? 
_reflns_shell.number_measured_gt          ? 
_reflns_shell.number_unique_gt            ? 
_reflns_shell.percent_possible_gt         ? 
_reflns_shell.Rmerge_F_gt                 ? 
_reflns_shell.Rmerge_I_gt                 ? 
_reflns_shell.pdbx_redundancy             6.4 
_reflns_shell.pdbx_Rsym_value             ? 
_reflns_shell.pdbx_chi_squared            ? 
_reflns_shell.pdbx_netI_over_sigmaI_all   ? 
_reflns_shell.pdbx_netI_over_sigmaI_obs   ? 
_reflns_shell.pdbx_Rrim_I_all             ? 
_reflns_shell.pdbx_Rpim_I_all             ? 
_reflns_shell.pdbx_rejects                ? 
_reflns_shell.pdbx_ordinal                1 
_reflns_shell.pdbx_diffrn_id              1 
_reflns_shell.pdbx_CC_half                ? 
_reflns_shell.pdbx_R_split                ? 
# 
_refine.aniso_B[1][1]                            -0.23 
_refine.aniso_B[1][2]                            0.00 
_refine.aniso_B[1][3]                            0.00 
_refine.aniso_B[2][2]                            -0.23 
_refine.aniso_B[2][3]                            0.00 
_refine.aniso_B[3][3]                            0.47 
_refine.B_iso_max                                ? 
_refine.B_iso_mean                               45.579 
_refine.B_iso_min                                ? 
_refine.correlation_coeff_Fo_to_Fc               0.969 
_refine.correlation_coeff_Fo_to_Fc_free          0.958 
_refine.details                                  'HYDROGENS HAVE BEEN ADDED IN THE RIDING POSITIONS' 
_refine.diff_density_max                         ? 
_refine.diff_density_max_esd                     ? 
_refine.diff_density_min                         ? 
_refine.diff_density_min_esd                     ? 
_refine.diff_density_rms                         ? 
_refine.diff_density_rms_esd                     ? 
_refine.entry_id                                 5IP8 
_refine.pdbx_refine_id                           'X-RAY DIFFRACTION' 
_refine.ls_abs_structure_details                 ? 
_refine.ls_abs_structure_Flack                   ? 
_refine.ls_abs_structure_Flack_esd               ? 
_refine.ls_abs_structure_Rogers                  ? 
_refine.ls_abs_structure_Rogers_esd              ? 
_refine.ls_d_res_high                            1.76 
_refine.ls_d_res_low                             23.73 
_refine.ls_extinction_coef                       ? 
_refine.ls_extinction_coef_esd                   ? 
_refine.ls_extinction_expression                 ? 
_refine.ls_extinction_method                     ? 
_refine.ls_goodness_of_fit_all                   ? 
_refine.ls_goodness_of_fit_all_esd               ? 
_refine.ls_goodness_of_fit_obs                   ? 
_refine.ls_goodness_of_fit_obs_esd               ? 
_refine.ls_hydrogen_treatment                    ? 
_refine.ls_matrix_type                           ? 
_refine.ls_number_constraints                    ? 
_refine.ls_number_parameters                     ? 
_refine.ls_number_reflns_all                     ? 
_refine.ls_number_reflns_obs                     7434 
_refine.ls_number_reflns_R_free                  420 
_refine.ls_number_reflns_R_work                  ? 
_refine.ls_number_restraints                     ? 
_refine.ls_percent_reflns_obs                    99.70 
_refine.ls_percent_reflns_R_free                 5.3 
_refine.ls_R_factor_all                          ? 
_refine.ls_R_factor_obs                          0.18949 
_refine.ls_R_factor_R_free                       0.21957 
_refine.ls_R_factor_R_free_error                 ? 
_refine.ls_R_factor_R_free_error_details         ? 
_refine.ls_R_factor_R_work                       0.18791 
_refine.ls_R_Fsqd_factor_obs                     ? 
_refine.ls_R_I_factor_obs                        ? 
_refine.ls_redundancy_reflns_all                 ? 
_refine.ls_redundancy_reflns_obs                 ? 
_refine.ls_restrained_S_all                      ? 
_refine.ls_restrained_S_obs                      ? 
_refine.ls_shift_over_esd_max                    ? 
_refine.ls_shift_over_esd_mean                   ? 
_refine.ls_structure_factor_coef                 ? 
_refine.ls_weighting_details                     ? 
_refine.ls_weighting_scheme                      ? 
_refine.ls_wR_factor_all                         ? 
_refine.ls_wR_factor_obs                         ? 
_refine.ls_wR_factor_R_free                      ? 
_refine.ls_wR_factor_R_work                      ? 
_refine.occupancy_max                            ? 
_refine.occupancy_min                            ? 
_refine.solvent_model_details                    ? 
_refine.solvent_model_param_bsol                 ? 
_refine.solvent_model_param_ksol                 ? 
_refine.ls_R_factor_gt                           ? 
_refine.ls_goodness_of_fit_gt                    ? 
_refine.ls_goodness_of_fit_ref                   ? 
_refine.ls_shift_over_su_max                     ? 
_refine.ls_shift_over_su_max_lt                  ? 
_refine.ls_shift_over_su_mean                    ? 
_refine.ls_shift_over_su_mean_lt                 ? 
_refine.pdbx_ls_sigma_I                          ? 
_refine.pdbx_ls_sigma_F                          ? 
_refine.pdbx_ls_sigma_Fsqd                       ? 
_refine.pdbx_data_cutoff_high_absF               ? 
_refine.pdbx_data_cutoff_high_rms_absF           ? 
_refine.pdbx_data_cutoff_low_absF                ? 
_refine.pdbx_isotropic_thermal_model             ? 
_refine.pdbx_ls_cross_valid_method               THROUGHOUT 
_refine.pdbx_method_to_determine_struct          SAD 
_refine.pdbx_starting_model                      ? 
_refine.pdbx_stereochemistry_target_values       ? 
_refine.pdbx_R_Free_selection_details            RANDOM 
_refine.pdbx_stereochem_target_val_spec_case     ? 
_refine.pdbx_overall_ESU_R                       0.113 
_refine.pdbx_overall_ESU_R_Free                  0.110 
_refine.pdbx_solvent_vdw_probe_radii             1.20 
_refine.pdbx_solvent_ion_probe_radii             0.80 
_refine.pdbx_solvent_shrinkage_radii             0.80 
_refine.pdbx_real_space_R                        ? 
_refine.pdbx_density_correlation                 ? 
_refine.pdbx_pd_number_of_powder_patterns        ? 
_refine.pdbx_pd_number_of_points                 ? 
_refine.pdbx_pd_meas_number_of_points            ? 
_refine.pdbx_pd_proc_ls_prof_R_factor            ? 
_refine.pdbx_pd_proc_ls_prof_wR_factor           ? 
_refine.pdbx_pd_Marquardt_correlation_coeff      ? 
_refine.pdbx_pd_Fsqrd_R_factor                   ? 
_refine.pdbx_pd_ls_matrix_band_width             ? 
_refine.pdbx_overall_phase_error                 ? 
_refine.pdbx_overall_SU_R_free_Cruickshank_DPI   ? 
_refine.pdbx_overall_SU_R_free_Blow_DPI          ? 
_refine.pdbx_overall_SU_R_Blow_DPI               ? 
_refine.pdbx_TLS_residual_ADP_flag               ? 
_refine.pdbx_diffrn_id                           1 
_refine.overall_SU_B                             2.559 
_refine.overall_SU_ML                            0.080 
_refine.overall_SU_R_Cruickshank_DPI             ? 
_refine.overall_SU_R_free                        ? 
_refine.overall_FOM_free_R_set                   ? 
_refine.overall_FOM_work_R_set                   ? 
_refine.pdbx_average_fsc_overall                 ? 
_refine.pdbx_average_fsc_work                    ? 
_refine.pdbx_average_fsc_free                    ? 
# 
_refine_hist.pdbx_refine_id                   'X-RAY DIFFRACTION' 
_refine_hist.cycle_id                         1 
_refine_hist.pdbx_number_atoms_protein        0 
_refine_hist.pdbx_number_atoms_nucleic_acid   404 
_refine_hist.pdbx_number_atoms_ligand         104 
_refine_hist.number_atoms_solvent             69 
_refine_hist.number_atoms_total               577 
_refine_hist.d_res_high                       1.76 
_refine_hist.d_res_low                        23.73 
# 
loop_
_refine_ls_restr.pdbx_refine_id 
_refine_ls_restr.criterion 
_refine_ls_restr.dev_ideal 
_refine_ls_restr.dev_ideal_target 
_refine_ls_restr.number 
_refine_ls_restr.rejects 
_refine_ls_restr.type 
_refine_ls_restr.weight 
_refine_ls_restr.pdbx_restraint_function 
'X-RAY DIFFRACTION' ? 0.017 0.013  580  ? r_bond_refined_d             ? ? 
'X-RAY DIFFRACTION' ? 0.004 0.020  267  ? r_bond_other_d               ? ? 
'X-RAY DIFFRACTION' ? 2.692 1.595  912  ? r_angle_refined_deg          ? ? 
'X-RAY DIFFRACTION' ? 1.661 3.000  613  ? r_angle_other_deg            ? ? 
'X-RAY DIFFRACTION' ? ?     ?      ?    ? r_dihedral_angle_1_deg       ? ? 
'X-RAY DIFFRACTION' ? ?     ?      ?    ? r_dihedral_angle_2_deg       ? ? 
'X-RAY DIFFRACTION' ? ?     ?      ?    ? r_dihedral_angle_3_deg       ? ? 
'X-RAY DIFFRACTION' ? ?     ?      ?    ? r_dihedral_angle_4_deg       ? ? 
'X-RAY DIFFRACTION' ? 0.106 0.200  60   ? r_chiral_restr               ? ? 
'X-RAY DIFFRACTION' ? 0.031 0.020  350  ? r_gen_planes_refined         ? ? 
'X-RAY DIFFRACTION' ? 0.003 0.020  156  ? r_gen_planes_other           ? ? 
'X-RAY DIFFRACTION' ? ?     ?      ?    ? r_nbd_refined                ? ? 
'X-RAY DIFFRACTION' ? ?     ?      ?    ? r_nbd_other                  ? ? 
'X-RAY DIFFRACTION' ? ?     ?      ?    ? r_nbtor_refined              ? ? 
'X-RAY DIFFRACTION' ? ?     ?      ?    ? r_nbtor_other                ? ? 
'X-RAY DIFFRACTION' ? ?     ?      ?    ? r_xyhbond_nbd_refined        ? ? 
'X-RAY DIFFRACTION' ? ?     ?      ?    ? r_xyhbond_nbd_other          ? ? 
'X-RAY DIFFRACTION' ? ?     ?      ?    ? r_metal_ion_refined          ? ? 
'X-RAY DIFFRACTION' ? ?     ?      ?    ? r_metal_ion_other            ? ? 
'X-RAY DIFFRACTION' ? ?     ?      ?    ? r_symmetry_vdw_refined       ? ? 
'X-RAY DIFFRACTION' ? ?     ?      ?    ? r_symmetry_vdw_other         ? ? 
'X-RAY DIFFRACTION' ? ?     ?      ?    ? r_symmetry_hbond_refined     ? ? 
'X-RAY DIFFRACTION' ? ?     ?      ?    ? r_symmetry_hbond_other       ? ? 
'X-RAY DIFFRACTION' ? ?     ?      ?    ? r_symmetry_metal_ion_refined ? ? 
'X-RAY DIFFRACTION' ? ?     ?      ?    ? r_symmetry_metal_ion_other   ? ? 
'X-RAY DIFFRACTION' ? ?     ?      ?    ? r_mcbond_it                  ? ? 
'X-RAY DIFFRACTION' ? ?     ?      ?    ? r_mcbond_other               ? ? 
'X-RAY DIFFRACTION' ? ?     ?      ?    ? r_mcangle_it                 ? ? 
'X-RAY DIFFRACTION' ? ?     ?      ?    ? r_mcangle_other              ? ? 
'X-RAY DIFFRACTION' ? 5.086 4.584  580  ? r_scbond_it                  ? ? 
'X-RAY DIFFRACTION' ? 5.077 4.583  579  ? r_scbond_other               ? ? 
'X-RAY DIFFRACTION' ? ?     ?      ?    ? r_scangle_it                 ? ? 
'X-RAY DIFFRACTION' ? 6.739 6.834  913  ? r_scangle_other              ? ? 
'X-RAY DIFFRACTION' ? 6.133 47.976 1296 ? r_long_range_B_refined       ? ? 
'X-RAY DIFFRACTION' ? 6.084 48.004 1278 ? r_long_range_B_other         ? ? 
'X-RAY DIFFRACTION' ? ?     ?      ?    ? r_rigid_bond_restr           ? ? 
'X-RAY DIFFRACTION' ? ?     ?      ?    ? r_sphericity_free            ? ? 
'X-RAY DIFFRACTION' ? ?     ?      ?    ? r_sphericity_bonded          ? ? 
# 
_refine_ls_shell.pdbx_refine_id                   'X-RAY DIFFRACTION' 
_refine_ls_shell.d_res_high                       1.760 
_refine_ls_shell.d_res_low                        1.805 
_refine_ls_shell.number_reflns_all                ? 
_refine_ls_shell.number_reflns_obs                ? 
_refine_ls_shell.number_reflns_R_free             28 
_refine_ls_shell.number_reflns_R_work             547 
_refine_ls_shell.percent_reflns_obs               100.00 
_refine_ls_shell.percent_reflns_R_free            ? 
_refine_ls_shell.R_factor_all                     ? 
_refine_ls_shell.R_factor_obs                     ? 
_refine_ls_shell.R_factor_R_free                  0.319 
_refine_ls_shell.R_factor_R_free_error            ? 
_refine_ls_shell.R_factor_R_work                  0.271 
_refine_ls_shell.redundancy_reflns_all            ? 
_refine_ls_shell.redundancy_reflns_obs            ? 
_refine_ls_shell.wR_factor_all                    ? 
_refine_ls_shell.wR_factor_obs                    ? 
_refine_ls_shell.wR_factor_R_free                 ? 
_refine_ls_shell.wR_factor_R_work                 ? 
_refine_ls_shell.pdbx_total_number_of_bins_used   20 
_refine_ls_shell.pdbx_phase_error                 ? 
_refine_ls_shell.pdbx_fsc_work                    ? 
_refine_ls_shell.pdbx_fsc_free                    ? 
# 
_struct.entry_id                     5IP8 
_struct.title                        'Lambda-Ru(TAP)2dppz bound to d(CCGGCTCCGG)' 
_struct.pdbx_model_details           ? 
_struct.pdbx_formula_weight          ? 
_struct.pdbx_formula_weight_method   ? 
_struct.pdbx_model_type_details      ? 
_struct.pdbx_CASP_flag               ? 
# 
_struct_keywords.entry_id        5IP8 
_struct_keywords.text            'Sequence specific, DNA, ruthenium, photooxidising' 
_struct_keywords.pdbx_keywords   DNA 
# 
loop_
_struct_asym.id 
_struct_asym.pdbx_blank_PDB_chainid_flag 
_struct_asym.pdbx_modified 
_struct_asym.entity_id 
_struct_asym.details 
A N N 1 ? 
B N N 2 ? 
C N N 3 ? 
D N N 4 ? 
E N N 4 ? 
F N N 3 ? 
G N N 5 ? 
H N N 5 ? 
# 
loop_
_struct_ref.id 
_struct_ref.db_name 
_struct_ref.db_code 
_struct_ref.pdbx_db_accession 
_struct_ref.pdbx_db_isoform 
_struct_ref.entity_id 
_struct_ref.pdbx_seq_one_letter_code 
_struct_ref.pdbx_align_begin 
1 PDB 5IP8 5IP8 ? 1 ? 1 
2 PDB 5IP8 5IP8 ? 2 ? 1 
# 
loop_
_struct_ref_seq.align_id 
_struct_ref_seq.ref_id 
_struct_ref_seq.pdbx_PDB_id_code 
_struct_ref_seq.pdbx_strand_id 
_struct_ref_seq.seq_align_beg 
_struct_ref_seq.pdbx_seq_align_beg_ins_code 
_struct_ref_seq.seq_align_end 
_struct_ref_seq.pdbx_seq_align_end_ins_code 
_struct_ref_seq.pdbx_db_accession 
_struct_ref_seq.db_align_beg 
_struct_ref_seq.pdbx_db_align_beg_ins_code 
_struct_ref_seq.db_align_end 
_struct_ref_seq.pdbx_db_align_end_ins_code 
_struct_ref_seq.pdbx_auth_seq_align_beg 
_struct_ref_seq.pdbx_auth_seq_align_end 
1 1 5IP8 B 1 ? 10 ? 5IP8 1 ? 10 ? 1 10 
2 2 5IP8 A 1 ? 10 ? 5IP8 1 ? 10 ? 1 10 
# 
_pdbx_struct_assembly.id                   1 
_pdbx_struct_assembly.details              author_and_software_defined_assembly 
_pdbx_struct_assembly.method_details       PISA 
_pdbx_struct_assembly.oligomeric_details   dimeric 
_pdbx_struct_assembly.oligomeric_count     2 
# 
loop_
_pdbx_struct_assembly_prop.biol_id 
_pdbx_struct_assembly_prop.type 
_pdbx_struct_assembly_prop.value 
_pdbx_struct_assembly_prop.details 
1 'ABSA (A^2)' 1900 ? 
1 MORE         -30  ? 
1 'SSA (A^2)'  4670 ? 
# 
_pdbx_struct_assembly_gen.assembly_id       1 
_pdbx_struct_assembly_gen.oper_expression   1 
_pdbx_struct_assembly_gen.asym_id_list      A,B,C,D,E,F,G,H 
# 
_pdbx_struct_oper_list.id                   1 
_pdbx_struct_oper_list.type                 'identity operation' 
_pdbx_struct_oper_list.name                 1_555 
_pdbx_struct_oper_list.symmetry_operation   x,y,z 
_pdbx_struct_oper_list.matrix[1][1]         1.0000000000 
_pdbx_struct_oper_list.matrix[1][2]         0.0000000000 
_pdbx_struct_oper_list.matrix[1][3]         0.0000000000 
_pdbx_struct_oper_list.vector[1]            0.0000000000 
_pdbx_struct_oper_list.matrix[2][1]         0.0000000000 
_pdbx_struct_oper_list.matrix[2][2]         1.0000000000 
_pdbx_struct_oper_list.matrix[2][3]         0.0000000000 
_pdbx_struct_oper_list.vector[2]            0.0000000000 
_pdbx_struct_oper_list.matrix[3][1]         0.0000000000 
_pdbx_struct_oper_list.matrix[3][2]         0.0000000000 
_pdbx_struct_oper_list.matrix[3][3]         1.0000000000 
_pdbx_struct_oper_list.vector[3]            0.0000000000 
# 
loop_
_struct_conn.id 
_struct_conn.conn_type_id 
_struct_conn.pdbx_leaving_atom_flag 
_struct_conn.pdbx_PDB_id 
_struct_conn.ptnr1_label_asym_id 
_struct_conn.ptnr1_label_comp_id 
_struct_conn.ptnr1_label_seq_id 
_struct_conn.ptnr1_label_atom_id 
_struct_conn.pdbx_ptnr1_label_alt_id 
_struct_conn.pdbx_ptnr1_PDB_ins_code 
_struct_conn.pdbx_ptnr1_standard_comp_id 
_struct_conn.ptnr1_symmetry 
_struct_conn.ptnr2_label_asym_id 
_struct_conn.ptnr2_label_comp_id 
_struct_conn.ptnr2_label_seq_id 
_struct_conn.ptnr2_label_atom_id 
_struct_conn.pdbx_ptnr2_label_alt_id 
_struct_conn.pdbx_ptnr2_PDB_ins_code 
_struct_conn.ptnr1_auth_asym_id 
_struct_conn.ptnr1_auth_comp_id 
_struct_conn.ptnr1_auth_seq_id 
_struct_conn.ptnr2_auth_asym_id 
_struct_conn.ptnr2_auth_comp_id 
_struct_conn.ptnr2_auth_seq_id 
_struct_conn.ptnr2_symmetry 
_struct_conn.pdbx_ptnr3_label_atom_id 
_struct_conn.pdbx_ptnr3_label_seq_id 
_struct_conn.pdbx_ptnr3_label_comp_id 
_struct_conn.pdbx_ptnr3_label_asym_id 
_struct_conn.pdbx_ptnr3_label_alt_id 
_struct_conn.pdbx_ptnr3_PDB_ins_code 
_struct_conn.details 
_struct_conn.pdbx_dist_value 
_struct_conn.pdbx_value_order 
_struct_conn.pdbx_role 
metalc1  metalc ? ? A DG  4  O6 ? ? ? 1_555 C BA  .  BA ? ? B DG  4   B BA  101 1_555 ? ? ? ? ? ? ?            2.841 ? ? 
metalc2  metalc ? ? C BA  .  BA ? ? ? 1_555 G HOH .  O  ? ? B BA  101 B HOH 207 1_555 ? ? ? ? ? ? ?            2.811 ? ? 
metalc3  metalc ? ? C BA  .  BA ? ? ? 1_555 G HOH .  O  ? ? B BA  101 B HOH 215 1_555 ? ? ? ? ? ? ?            2.829 ? ? 
metalc4  metalc ? ? C BA  .  BA ? ? ? 1_555 G HOH .  O  ? ? B BA  101 B HOH 219 1_555 ? ? ? ? ? ? ?            2.748 ? ? 
metalc5  metalc ? ? C BA  .  BA ? ? ? 1_555 G HOH .  O  ? ? B BA  101 B HOH 222 1_555 ? ? ? ? ? ? ?            2.808 ? ? 
metalc6  metalc ? ? C BA  .  BA ? ? ? 1_555 G HOH .  O  ? ? B BA  101 B HOH 239 1_555 ? ? ? ? ? ? ?            2.894 ? ? 
metalc7  metalc ? ? C BA  .  BA ? ? ? 1_555 H HOH .  O  ? ? B BA  101 A HOH 202 1_555 ? ? ? ? ? ? ?            2.888 ? ? 
metalc8  metalc ? ? G HOH .  O  ? ? ? 1_555 F BA  .  BA ? ? B HOH 205 A BA  101 1_555 ? ? ? ? ? ? ?            2.816 ? ? 
metalc9  metalc ? ? B DG  4  O6 ? ? ? 1_555 F BA  .  BA ? ? A DG  4   A BA  101 1_555 ? ? ? ? ? ? ?            2.873 ? ? 
metalc10 metalc ? ? F BA  .  BA ? ? ? 1_555 H HOH .  O  ? ? A BA  101 A HOH 203 1_555 ? ? ? ? ? ? ?            2.667 ? ? 
metalc11 metalc ? ? F BA  .  BA ? ? ? 1_555 H HOH .  O  ? ? A BA  101 A HOH 210 1_555 ? ? ? ? ? ? ?            2.622 ? ? 
metalc12 metalc ? ? F BA  .  BA ? ? ? 1_555 H HOH .  O  ? ? A BA  101 A HOH 213 1_555 ? ? ? ? ? ? ?            2.681 ? ? 
metalc13 metalc ? ? F BA  .  BA ? ? ? 1_555 H HOH .  O  ? ? A BA  101 A HOH 217 1_555 ? ? ? ? ? ? ?            2.727 ? ? 
metalc14 metalc ? ? F BA  .  BA ? ? ? 1_555 H HOH .  O  ? ? A BA  101 A HOH 229 1_555 ? ? ? ? ? ? ?            2.891 ? ? 
hydrog1  hydrog ? ? A DC  1  N4 ? ? ? 1_555 B DG  10 O6 ? ? B DC  1   A DG  10  1_555 ? ? ? ? ? ? 'DC-DG PAIR' ?     ? ? 
hydrog2  hydrog ? ? A DC  2  N3 ? ? ? 1_555 B DG  9  N1 ? ? B DC  2   A DG  9   1_555 ? ? ? ? ? ? WATSON-CRICK ?     ? ? 
hydrog3  hydrog ? ? A DC  2  N4 ? ? ? 1_555 B DG  9  O6 ? ? B DC  2   A DG  9   1_555 ? ? ? ? ? ? WATSON-CRICK ?     ? ? 
hydrog4  hydrog ? ? A DC  2  O2 ? ? ? 1_555 B DG  9  N2 ? ? B DC  2   A DG  9   1_555 ? ? ? ? ? ? WATSON-CRICK ?     ? ? 
hydrog5  hydrog ? ? A DG  3  N1 ? ? ? 1_555 B DC  8  N3 ? ? B DG  3   A DC  8   1_555 ? ? ? ? ? ? WATSON-CRICK ?     ? ? 
hydrog6  hydrog ? ? A DG  3  N2 ? ? ? 1_555 B DC  8  O2 ? ? B DG  3   A DC  8   1_555 ? ? ? ? ? ? WATSON-CRICK ?     ? ? 
hydrog7  hydrog ? ? A DG  3  O6 ? ? ? 1_555 B DC  8  N4 ? ? B DG  3   A DC  8   1_555 ? ? ? ? ? ? WATSON-CRICK ?     ? ? 
hydrog8  hydrog ? ? A DG  4  N1 ? ? ? 1_555 B DC  7  N3 ? ? B DG  4   A DC  7   1_555 ? ? ? ? ? ? WATSON-CRICK ?     ? ? 
hydrog9  hydrog ? ? A DG  4  N2 ? ? ? 1_555 B DC  7  O2 ? ? B DG  4   A DC  7   1_555 ? ? ? ? ? ? WATSON-CRICK ?     ? ? 
hydrog10 hydrog ? ? A DG  4  O6 ? ? ? 1_555 B DC  7  N4 ? ? B DG  4   A DC  7   1_555 ? ? ? ? ? ? WATSON-CRICK ?     ? ? 
hydrog11 hydrog ? ? A DA  5  N1 ? ? ? 1_555 B DT  6  N3 ? ? B DA  5   A DT  6   1_555 ? ? ? ? ? ? WATSON-CRICK ?     ? ? 
hydrog12 hydrog ? ? A DA  5  N6 ? ? ? 1_555 B DT  6  O4 ? ? B DA  5   A DT  6   1_555 ? ? ? ? ? ? WATSON-CRICK ?     ? ? 
hydrog13 hydrog ? ? A DG  6  N1 ? ? ? 1_555 B DC  5  N3 ? ? B DG  6   A DC  5   1_555 ? ? ? ? ? ? WATSON-CRICK ?     ? ? 
hydrog14 hydrog ? ? A DG  6  N2 ? ? ? 1_555 B DC  5  O2 ? ? B DG  6   A DC  5   1_555 ? ? ? ? ? ? WATSON-CRICK ?     ? ? 
hydrog15 hydrog ? ? A DG  6  O6 ? ? ? 1_555 B DC  5  N4 ? ? B DG  6   A DC  5   1_555 ? ? ? ? ? ? WATSON-CRICK ?     ? ? 
hydrog16 hydrog ? ? A DC  7  N3 ? ? ? 1_555 B DG  4  N1 ? ? B DC  7   A DG  4   1_555 ? ? ? ? ? ? WATSON-CRICK ?     ? ? 
hydrog17 hydrog ? ? A DC  7  N4 ? ? ? 1_555 B DG  4  O6 ? ? B DC  7   A DG  4   1_555 ? ? ? ? ? ? WATSON-CRICK ?     ? ? 
hydrog18 hydrog ? ? A DC  7  O2 ? ? ? 1_555 B DG  4  N2 ? ? B DC  7   A DG  4   1_555 ? ? ? ? ? ? WATSON-CRICK ?     ? ? 
hydrog19 hydrog ? ? A DC  8  N3 ? ? ? 1_555 B DG  3  N1 ? ? B DC  8   A DG  3   1_555 ? ? ? ? ? ? WATSON-CRICK ?     ? ? 
hydrog20 hydrog ? ? A DC  8  N4 ? ? ? 1_555 B DG  3  O6 ? ? B DC  8   A DG  3   1_555 ? ? ? ? ? ? WATSON-CRICK ?     ? ? 
hydrog21 hydrog ? ? A DC  8  O2 ? ? ? 1_555 B DG  3  N2 ? ? B DC  8   A DG  3   1_555 ? ? ? ? ? ? WATSON-CRICK ?     ? ? 
hydrog22 hydrog ? ? A DG  9  N1 ? ? ? 1_555 B DC  2  N3 ? ? B DG  9   A DC  2   1_555 ? ? ? ? ? ? WATSON-CRICK ?     ? ? 
hydrog23 hydrog ? ? A DG  9  N2 ? ? ? 1_555 B DC  2  O2 ? ? B DG  9   A DC  2   1_555 ? ? ? ? ? ? WATSON-CRICK ?     ? ? 
hydrog24 hydrog ? ? A DG  9  O6 ? ? ? 1_555 B DC  2  N4 ? ? B DG  9   A DC  2   1_555 ? ? ? ? ? ? WATSON-CRICK ?     ? ? 
hydrog25 hydrog ? ? A DG  10 O6 ? ? ? 1_555 B DC  1  N4 ? ? B DG  10  A DC  1   1_555 ? ? ? ? ? ? 'DG-DC PAIR' ?     ? ? 
# 
loop_
_struct_conn_type.id 
_struct_conn_type.criteria 
_struct_conn_type.reference 
metalc ? ? 
hydrog ? ? 
# 
loop_
_pdbx_struct_conn_angle.id 
_pdbx_struct_conn_angle.ptnr1_label_atom_id 
_pdbx_struct_conn_angle.ptnr1_label_alt_id 
_pdbx_struct_conn_angle.ptnr1_label_asym_id 
_pdbx_struct_conn_angle.ptnr1_label_comp_id 
_pdbx_struct_conn_angle.ptnr1_label_seq_id 
_pdbx_struct_conn_angle.ptnr1_auth_atom_id 
_pdbx_struct_conn_angle.ptnr1_auth_asym_id 
_pdbx_struct_conn_angle.ptnr1_auth_comp_id 
_pdbx_struct_conn_angle.ptnr1_auth_seq_id 
_pdbx_struct_conn_angle.ptnr1_PDB_ins_code 
_pdbx_struct_conn_angle.ptnr1_symmetry 
_pdbx_struct_conn_angle.ptnr2_label_atom_id 
_pdbx_struct_conn_angle.ptnr2_label_alt_id 
_pdbx_struct_conn_angle.ptnr2_label_asym_id 
_pdbx_struct_conn_angle.ptnr2_label_comp_id 
_pdbx_struct_conn_angle.ptnr2_label_seq_id 
_pdbx_struct_conn_angle.ptnr2_auth_atom_id 
_pdbx_struct_conn_angle.ptnr2_auth_asym_id 
_pdbx_struct_conn_angle.ptnr2_auth_comp_id 
_pdbx_struct_conn_angle.ptnr2_auth_seq_id 
_pdbx_struct_conn_angle.ptnr2_PDB_ins_code 
_pdbx_struct_conn_angle.ptnr2_symmetry 
_pdbx_struct_conn_angle.ptnr3_label_atom_id 
_pdbx_struct_conn_angle.ptnr3_label_alt_id 
_pdbx_struct_conn_angle.ptnr3_label_asym_id 
_pdbx_struct_conn_angle.ptnr3_label_comp_id 
_pdbx_struct_conn_angle.ptnr3_label_seq_id 
_pdbx_struct_conn_angle.ptnr3_auth_atom_id 
_pdbx_struct_conn_angle.ptnr3_auth_asym_id 
_pdbx_struct_conn_angle.ptnr3_auth_comp_id 
_pdbx_struct_conn_angle.ptnr3_auth_seq_id 
_pdbx_struct_conn_angle.ptnr3_PDB_ins_code 
_pdbx_struct_conn_angle.ptnr3_symmetry 
_pdbx_struct_conn_angle.value 
_pdbx_struct_conn_angle.value_esd 
1  O6 ? A DG  4 ? B DG  4   ? 1_555 BA ? C BA . ? B BA 101 ? 1_555 O  ? G HOH . ? B HOH 207 ? 1_555 73.7  ? 
2  O6 ? A DG  4 ? B DG  4   ? 1_555 BA ? C BA . ? B BA 101 ? 1_555 O  ? G HOH . ? B HOH 215 ? 1_555 138.8 ? 
3  O  ? G HOH . ? B HOH 207 ? 1_555 BA ? C BA . ? B BA 101 ? 1_555 O  ? G HOH . ? B HOH 215 ? 1_555 73.0  ? 
4  O6 ? A DG  4 ? B DG  4   ? 1_555 BA ? C BA . ? B BA 101 ? 1_555 O  ? G HOH . ? B HOH 219 ? 1_555 127.6 ? 
5  O  ? G HOH . ? B HOH 207 ? 1_555 BA ? C BA . ? B BA 101 ? 1_555 O  ? G HOH . ? B HOH 219 ? 1_555 138.7 ? 
6  O  ? G HOH . ? B HOH 215 ? 1_555 BA ? C BA . ? B BA 101 ? 1_555 O  ? G HOH . ? B HOH 219 ? 1_555 69.8  ? 
7  O6 ? A DG  4 ? B DG  4   ? 1_555 BA ? C BA . ? B BA 101 ? 1_555 O  ? G HOH . ? B HOH 222 ? 1_555 92.5  ? 
8  O  ? G HOH . ? B HOH 207 ? 1_555 BA ? C BA . ? B BA 101 ? 1_555 O  ? G HOH . ? B HOH 222 ? 1_555 146.8 ? 
9  O  ? G HOH . ? B HOH 215 ? 1_555 BA ? C BA . ? B BA 101 ? 1_555 O  ? G HOH . ? B HOH 222 ? 1_555 128.4 ? 
10 O  ? G HOH . ? B HOH 219 ? 1_555 BA ? C BA . ? B BA 101 ? 1_555 O  ? G HOH . ? B HOH 222 ? 1_555 73.5  ? 
11 O6 ? A DG  4 ? B DG  4   ? 1_555 BA ? C BA . ? B BA 101 ? 1_555 O  ? G HOH . ? B HOH 239 ? 1_555 133.7 ? 
12 O  ? G HOH . ? B HOH 207 ? 1_555 BA ? C BA . ? B BA 101 ? 1_555 O  ? G HOH . ? B HOH 239 ? 1_555 87.9  ? 
13 O  ? G HOH . ? B HOH 215 ? 1_555 BA ? C BA . ? B BA 101 ? 1_555 O  ? G HOH . ? B HOH 239 ? 1_555 67.9  ? 
14 O  ? G HOH . ? B HOH 219 ? 1_555 BA ? C BA . ? B BA 101 ? 1_555 O  ? G HOH . ? B HOH 239 ? 1_555 94.2  ? 
15 O  ? G HOH . ? B HOH 222 ? 1_555 BA ? C BA . ? B BA 101 ? 1_555 O  ? G HOH . ? B HOH 239 ? 1_555 80.2  ? 
16 O6 ? A DG  4 ? B DG  4   ? 1_555 BA ? C BA . ? B BA 101 ? 1_555 O  ? H HOH . ? A HOH 202 ? 1_555 64.4  ? 
17 O  ? G HOH . ? B HOH 207 ? 1_555 BA ? C BA . ? B BA 101 ? 1_555 O  ? H HOH . ? A HOH 202 ? 1_555 72.4  ? 
18 O  ? G HOH . ? B HOH 215 ? 1_555 BA ? C BA . ? B BA 101 ? 1_555 O  ? H HOH . ? A HOH 202 ? 1_555 125.2 ? 
19 O  ? G HOH . ? B HOH 219 ? 1_555 BA ? C BA . ? B BA 101 ? 1_555 O  ? H HOH . ? A HOH 202 ? 1_555 146.1 ? 
20 O  ? G HOH . ? B HOH 222 ? 1_555 BA ? C BA . ? B BA 101 ? 1_555 O  ? H HOH . ? A HOH 202 ? 1_555 74.4  ? 
21 O  ? G HOH . ? B HOH 239 ? 1_555 BA ? C BA . ? B BA 101 ? 1_555 O  ? H HOH . ? A HOH 202 ? 1_555 69.7  ? 
22 O  ? G HOH . ? B HOH 205 ? 1_555 BA ? F BA . ? A BA 101 ? 1_555 O6 ? B DG  4 ? A DG  4   ? 1_555 63.0  ? 
23 O  ? G HOH . ? B HOH 205 ? 1_555 BA ? F BA . ? A BA 101 ? 1_555 O  ? H HOH . ? A HOH 203 ? 1_555 76.5  ? 
24 O6 ? B DG  4 ? A DG  4   ? 1_555 BA ? F BA . ? A BA 101 ? 1_555 O  ? H HOH . ? A HOH 203 ? 1_555 71.3  ? 
25 O  ? G HOH . ? B HOH 205 ? 1_555 BA ? F BA . ? A BA 101 ? 1_555 O  ? H HOH . ? A HOH 210 ? 1_555 141.8 ? 
26 O6 ? B DG  4 ? A DG  4   ? 1_555 BA ? F BA . ? A BA 101 ? 1_555 O  ? H HOH . ? A HOH 210 ? 1_555 132.5 ? 
27 O  ? H HOH . ? A HOH 203 ? 1_555 BA ? F BA . ? A BA 101 ? 1_555 O  ? H HOH . ? A HOH 210 ? 1_555 138.2 ? 
28 O  ? G HOH . ? B HOH 205 ? 1_555 BA ? F BA . ? A BA 101 ? 1_555 O  ? H HOH . ? A HOH 213 ? 1_555 130.5 ? 
29 O6 ? B DG  4 ? A DG  4   ? 1_555 BA ? F BA . ? A BA 101 ? 1_555 O  ? H HOH . ? A HOH 213 ? 1_555 137.9 ? 
30 O  ? H HOH . ? A HOH 203 ? 1_555 BA ? F BA . ? A BA 101 ? 1_555 O  ? H HOH . ? A HOH 213 ? 1_555 74.6  ? 
31 O  ? H HOH . ? A HOH 210 ? 1_555 BA ? F BA . ? A BA 101 ? 1_555 O  ? H HOH . ? A HOH 213 ? 1_555 66.3  ? 
32 O  ? G HOH . ? B HOH 205 ? 1_555 BA ? F BA . ? A BA 101 ? 1_555 O  ? H HOH . ? A HOH 217 ? 1_555 71.3  ? 
33 O6 ? B DG  4 ? A DG  4   ? 1_555 BA ? F BA . ? A BA 101 ? 1_555 O  ? H HOH . ? A HOH 217 ? 1_555 97.8  ? 
34 O  ? H HOH . ? A HOH 203 ? 1_555 BA ? F BA . ? A BA 101 ? 1_555 O  ? H HOH . ? A HOH 217 ? 1_555 147.4 ? 
35 O  ? H HOH . ? A HOH 210 ? 1_555 BA ? F BA . ? A BA 101 ? 1_555 O  ? H HOH . ? A HOH 217 ? 1_555 71.9  ? 
36 O  ? H HOH . ? A HOH 213 ? 1_555 BA ? F BA . ? A BA 101 ? 1_555 O  ? H HOH . ? A HOH 217 ? 1_555 124.1 ? 
37 O  ? G HOH . ? B HOH 205 ? 1_555 BA ? F BA . ? A BA 101 ? 1_555 O  ? H HOH . ? A HOH 229 ? 1_555 70.2  ? 
38 O6 ? B DG  4 ? A DG  4   ? 1_555 BA ? F BA . ? A BA 101 ? 1_555 O  ? H HOH . ? A HOH 229 ? 1_555 132.7 ? 
39 O  ? H HOH . ? A HOH 203 ? 1_555 BA ? F BA . ? A BA 101 ? 1_555 O  ? H HOH . ? A HOH 229 ? 1_555 91.9  ? 
40 O  ? H HOH . ? A HOH 210 ? 1_555 BA ? F BA . ? A BA 101 ? 1_555 O  ? H HOH . ? A HOH 229 ? 1_555 89.5  ? 
41 O  ? H HOH . ? A HOH 213 ? 1_555 BA ? F BA . ? A BA 101 ? 1_555 O  ? H HOH . ? A HOH 229 ? 1_555 71.5  ? 
42 O  ? H HOH . ? A HOH 217 ? 1_555 BA ? F BA . ? A BA 101 ? 1_555 O  ? H HOH . ? A HOH 229 ? 1_555 72.7  ? 
# 
loop_
_struct_site.id 
_struct_site.pdbx_evidence_code 
_struct_site.pdbx_auth_asym_id 
_struct_site.pdbx_auth_comp_id 
_struct_site.pdbx_auth_seq_id 
_struct_site.pdbx_auth_ins_code 
_struct_site.pdbx_num_residues 
_struct_site.details 
AC1 Software B BA  101 ? 8  'binding site for residue BA B 101'  
AC2 Software B RKL 102 ? 12 'binding site for residue RKL B 102' 
AC3 Software B RKL 103 ? 11 'binding site for residue RKL B 103' 
AC4 Software A BA  101 ? 8  'binding site for residue BA A 101'  
# 
loop_
_struct_site_gen.id 
_struct_site_gen.site_id 
_struct_site_gen.pdbx_num_res 
_struct_site_gen.label_comp_id 
_struct_site_gen.label_asym_id 
_struct_site_gen.label_seq_id 
_struct_site_gen.pdbx_auth_ins_code 
_struct_site_gen.auth_comp_id 
_struct_site_gen.auth_asym_id 
_struct_site_gen.auth_seq_id 
_struct_site_gen.label_atom_id 
_struct_site_gen.label_alt_id 
_struct_site_gen.symmetry 
_struct_site_gen.details 
1  AC1 8  HOH H .  ? HOH A 202 . ? 1_555 ? 
2  AC1 8  DG  A 3  ? DG  B 3   . ? 1_555 ? 
3  AC1 8  DG  A 4  ? DG  B 4   . ? 1_555 ? 
4  AC1 8  HOH G .  ? HOH B 207 . ? 1_555 ? 
5  AC1 8  HOH G .  ? HOH B 215 . ? 1_555 ? 
6  AC1 8  HOH G .  ? HOH B 219 . ? 1_555 ? 
7  AC1 8  HOH G .  ? HOH B 222 . ? 1_555 ? 
8  AC1 8  HOH G .  ? HOH B 239 . ? 1_555 ? 
9  AC2 12 DC  B 7  ? DC  A 7   . ? 1_555 ? 
10 AC2 12 DC  B 8  ? DC  A 8   . ? 1_555 ? 
11 AC2 12 DG  B 9  ? DG  A 9   . ? 4_555 ? 
12 AC2 12 DG  B 10 ? DG  A 10  . ? 4_555 ? 
13 AC2 12 HOH H .  ? HOH A 209 . ? 1_555 ? 
14 AC2 12 DC  A 1  ? DC  B 1   . ? 4_555 ? 
15 AC2 12 DC  A 2  ? DC  B 2   . ? 4_555 ? 
16 AC2 12 DG  A 3  ? DG  B 3   . ? 1_555 ? 
17 AC2 12 DG  A 3  ? DG  B 3   . ? 4_555 ? 
18 AC2 12 DG  A 4  ? DG  B 4   . ? 1_555 ? 
19 AC2 12 HOH G .  ? HOH B 206 . ? 1_555 ? 
20 AC2 12 HOH G .  ? HOH B 220 . ? 1_555 ? 
21 AC3 11 DC  B 1  ? DC  A 1   . ? 1_555 ? 
22 AC3 11 DC  B 2  ? DC  A 2   . ? 1_555 ? 
23 AC3 11 DG  B 3  ? DG  A 3   . ? 4_565 ? 
24 AC3 11 DG  B 3  ? DG  A 3   . ? 1_555 ? 
25 AC3 11 DG  B 4  ? DG  A 4   . ? 4_565 ? 
26 AC3 11 DC  A 7  ? DC  B 7   . ? 4_565 ? 
27 AC3 11 DC  A 8  ? DC  B 8   . ? 4_565 ? 
28 AC3 11 DG  A 9  ? DG  B 9   . ? 1_555 ? 
29 AC3 11 DG  A 10 ? DG  B 10  . ? 1_555 ? 
30 AC3 11 HOH G .  ? HOH B 214 . ? 4_565 ? 
31 AC3 11 HOH G .  ? HOH B 221 . ? 1_555 ? 
32 AC4 8  DG  B 3  ? DG  A 3   . ? 1_555 ? 
33 AC4 8  DG  B 4  ? DG  A 4   . ? 1_555 ? 
34 AC4 8  HOH H .  ? HOH A 203 . ? 1_555 ? 
35 AC4 8  HOH H .  ? HOH A 210 . ? 1_555 ? 
36 AC4 8  HOH H .  ? HOH A 213 . ? 1_555 ? 
37 AC4 8  HOH H .  ? HOH A 217 . ? 1_555 ? 
38 AC4 8  HOH H .  ? HOH A 229 . ? 1_555 ? 
39 AC4 8  HOH G .  ? HOH B 205 . ? 1_555 ? 
# 
_pdbx_distant_solvent_atoms.id                                1 
_pdbx_distant_solvent_atoms.PDB_model_num                     1 
_pdbx_distant_solvent_atoms.auth_atom_id                      O 
_pdbx_distant_solvent_atoms.label_alt_id                      ? 
_pdbx_distant_solvent_atoms.auth_asym_id                      B 
_pdbx_distant_solvent_atoms.auth_comp_id                      HOH 
_pdbx_distant_solvent_atoms.auth_seq_id                       240 
_pdbx_distant_solvent_atoms.PDB_ins_code                      ? 
_pdbx_distant_solvent_atoms.neighbor_macromolecule_distance   6.45 
_pdbx_distant_solvent_atoms.neighbor_ligand_distance          . 
# 
loop_
_chem_comp_atom.comp_id 
_chem_comp_atom.atom_id 
_chem_comp_atom.type_symbol 
_chem_comp_atom.pdbx_aromatic_flag 
_chem_comp_atom.pdbx_stereo_config 
_chem_comp_atom.pdbx_ordinal 
BA  BA     BA N N 1   
DA  OP3    O  N N 2   
DA  P      P  N N 3   
DA  OP1    O  N N 4   
DA  OP2    O  N N 5   
DA  "O5'"  O  N N 6   
DA  "C5'"  C  N N 7   
DA  "C4'"  C  N R 8   
DA  "O4'"  O  N N 9   
DA  "C3'"  C  N S 10  
DA  "O3'"  O  N N 11  
DA  "C2'"  C  N N 12  
DA  "C1'"  C  N R 13  
DA  N9     N  Y N 14  
DA  C8     C  Y N 15  
DA  N7     N  Y N 16  
DA  C5     C  Y N 17  
DA  C6     C  Y N 18  
DA  N6     N  N N 19  
DA  N1     N  Y N 20  
DA  C2     C  Y N 21  
DA  N3     N  Y N 22  
DA  C4     C  Y N 23  
DA  HOP3   H  N N 24  
DA  HOP2   H  N N 25  
DA  "H5'"  H  N N 26  
DA  "H5''" H  N N 27  
DA  "H4'"  H  N N 28  
DA  "H3'"  H  N N 29  
DA  "HO3'" H  N N 30  
DA  "H2'"  H  N N 31  
DA  "H2''" H  N N 32  
DA  "H1'"  H  N N 33  
DA  H8     H  N N 34  
DA  H61    H  N N 35  
DA  H62    H  N N 36  
DA  H2     H  N N 37  
DC  OP3    O  N N 38  
DC  P      P  N N 39  
DC  OP1    O  N N 40  
DC  OP2    O  N N 41  
DC  "O5'"  O  N N 42  
DC  "C5'"  C  N N 43  
DC  "C4'"  C  N R 44  
DC  "O4'"  O  N N 45  
DC  "C3'"  C  N S 46  
DC  "O3'"  O  N N 47  
DC  "C2'"  C  N N 48  
DC  "C1'"  C  N R 49  
DC  N1     N  N N 50  
DC  C2     C  N N 51  
DC  O2     O  N N 52  
DC  N3     N  N N 53  
DC  C4     C  N N 54  
DC  N4     N  N N 55  
DC  C5     C  N N 56  
DC  C6     C  N N 57  
DC  HOP3   H  N N 58  
DC  HOP2   H  N N 59  
DC  "H5'"  H  N N 60  
DC  "H5''" H  N N 61  
DC  "H4'"  H  N N 62  
DC  "H3'"  H  N N 63  
DC  "HO3'" H  N N 64  
DC  "H2'"  H  N N 65  
DC  "H2''" H  N N 66  
DC  "H1'"  H  N N 67  
DC  H41    H  N N 68  
DC  H42    H  N N 69  
DC  H5     H  N N 70  
DC  H6     H  N N 71  
DG  OP3    O  N N 72  
DG  P      P  N N 73  
DG  OP1    O  N N 74  
DG  OP2    O  N N 75  
DG  "O5'"  O  N N 76  
DG  "C5'"  C  N N 77  
DG  "C4'"  C  N R 78  
DG  "O4'"  O  N N 79  
DG  "C3'"  C  N S 80  
DG  "O3'"  O  N N 81  
DG  "C2'"  C  N N 82  
DG  "C1'"  C  N R 83  
DG  N9     N  Y N 84  
DG  C8     C  Y N 85  
DG  N7     N  Y N 86  
DG  C5     C  Y N 87  
DG  C6     C  N N 88  
DG  O6     O  N N 89  
DG  N1     N  N N 90  
DG  C2     C  N N 91  
DG  N2     N  N N 92  
DG  N3     N  N N 93  
DG  C4     C  Y N 94  
DG  HOP3   H  N N 95  
DG  HOP2   H  N N 96  
DG  "H5'"  H  N N 97  
DG  "H5''" H  N N 98  
DG  "H4'"  H  N N 99  
DG  "H3'"  H  N N 100 
DG  "HO3'" H  N N 101 
DG  "H2'"  H  N N 102 
DG  "H2''" H  N N 103 
DG  "H1'"  H  N N 104 
DG  H8     H  N N 105 
DG  H1     H  N N 106 
DG  H21    H  N N 107 
DG  H22    H  N N 108 
DT  OP3    O  N N 109 
DT  P      P  N N 110 
DT  OP1    O  N N 111 
DT  OP2    O  N N 112 
DT  "O5'"  O  N N 113 
DT  "C5'"  C  N N 114 
DT  "C4'"  C  N R 115 
DT  "O4'"  O  N N 116 
DT  "C3'"  C  N S 117 
DT  "O3'"  O  N N 118 
DT  "C2'"  C  N N 119 
DT  "C1'"  C  N R 120 
DT  N1     N  N N 121 
DT  C2     C  N N 122 
DT  O2     O  N N 123 
DT  N3     N  N N 124 
DT  C4     C  N N 125 
DT  O4     O  N N 126 
DT  C5     C  N N 127 
DT  C7     C  N N 128 
DT  C6     C  N N 129 
DT  HOP3   H  N N 130 
DT  HOP2   H  N N 131 
DT  "H5'"  H  N N 132 
DT  "H5''" H  N N 133 
DT  "H4'"  H  N N 134 
DT  "H3'"  H  N N 135 
DT  "HO3'" H  N N 136 
DT  "H2'"  H  N N 137 
DT  "H2''" H  N N 138 
DT  "H1'"  H  N N 139 
DT  H3     H  N N 140 
DT  H71    H  N N 141 
DT  H72    H  N N 142 
DT  H73    H  N N 143 
DT  H6     H  N N 144 
HOH O      O  N N 145 
HOH H1     H  N N 146 
HOH H2     H  N N 147 
RKL RU     RU N N 148 
RKL C1     C  Y N 149 
RKL N1     N  Y N 150 
RKL C2     C  Y N 151 
RKL N2     N  Y N 152 
RKL C3     C  Y N 153 
RKL N3     N  Y N 154 
RKL C4     C  Y N 155 
RKL N4     N  Y N 156 
RKL C5     C  Y N 157 
RKL N5     N  Y N 158 
RKL C6     C  Y N 159 
RKL N6     N  Y N 160 
RKL C7     C  Y N 161 
RKL N7     N  Y N 162 
RKL C8     C  Y N 163 
RKL N8     N  Y N 164 
RKL C9     C  Y N 165 
RKL N9     N  Y N 166 
RKL C10    C  Y N 167 
RKL N10    N  Y N 168 
RKL C11    C  Y N 169 
RKL N11    N  Y N 170 
RKL C12    C  Y N 171 
RKL N12    N  Y N 172 
RKL C13    C  Y N 173 
RKL C14    C  Y N 174 
RKL C15    C  Y N 175 
RKL C16    C  Y N 176 
RKL C17    C  Y N 177 
RKL C18    C  Y N 178 
RKL C19    C  Y N 179 
RKL C20    C  Y N 180 
RKL C21    C  Y N 181 
RKL C22    C  Y N 182 
RKL C23    C  Y N 183 
RKL C24    C  Y N 184 
RKL C25    C  Y N 185 
RKL C26    C  Y N 186 
RKL C27    C  Y N 187 
RKL C28    C  Y N 188 
RKL C29    C  Y N 189 
RKL C30    C  Y N 190 
RKL C31    C  Y N 191 
RKL C32    C  Y N 192 
RKL C33    C  Y N 193 
RKL C34    C  Y N 194 
RKL C35    C  Y N 195 
RKL C36    C  Y N 196 
RKL C37    C  Y N 197 
RKL C38    C  Y N 198 
RKL H2     H  N N 199 
RKL H3     H  N N 200 
RKL H4     H  N N 201 
RKL H9     H  N N 202 
RKL H11    H  N N 203 
RKL H12    H  N N 204 
RKL H14    H  N N 205 
RKL H16    H  N N 206 
RKL H17    H  N N 207 
RKL H18    H  N N 208 
RKL H20    H  N N 209 
RKL H21    H  N N 210 
RKL H23    H  N N 211 
RKL H24    H  N N 212 
RKL H27    H  N N 213 
RKL H28    H  N N 214 
RKL H30    H  N N 215 
RKL H31    H  N N 216 
RKL H33    H  N N 217 
RKL H34    H  N N 218 
RKL H37    H  N N 219 
RKL H38    H  N N 220 
# 
loop_
_chem_comp_bond.comp_id 
_chem_comp_bond.atom_id_1 
_chem_comp_bond.atom_id_2 
_chem_comp_bond.value_order 
_chem_comp_bond.pdbx_aromatic_flag 
_chem_comp_bond.pdbx_stereo_config 
_chem_comp_bond.pdbx_ordinal 
DA  OP3   P      sing N N 1   
DA  OP3   HOP3   sing N N 2   
DA  P     OP1    doub N N 3   
DA  P     OP2    sing N N 4   
DA  P     "O5'"  sing N N 5   
DA  OP2   HOP2   sing N N 6   
DA  "O5'" "C5'"  sing N N 7   
DA  "C5'" "C4'"  sing N N 8   
DA  "C5'" "H5'"  sing N N 9   
DA  "C5'" "H5''" sing N N 10  
DA  "C4'" "O4'"  sing N N 11  
DA  "C4'" "C3'"  sing N N 12  
DA  "C4'" "H4'"  sing N N 13  
DA  "O4'" "C1'"  sing N N 14  
DA  "C3'" "O3'"  sing N N 15  
DA  "C3'" "C2'"  sing N N 16  
DA  "C3'" "H3'"  sing N N 17  
DA  "O3'" "HO3'" sing N N 18  
DA  "C2'" "C1'"  sing N N 19  
DA  "C2'" "H2'"  sing N N 20  
DA  "C2'" "H2''" sing N N 21  
DA  "C1'" N9     sing N N 22  
DA  "C1'" "H1'"  sing N N 23  
DA  N9    C8     sing Y N 24  
DA  N9    C4     sing Y N 25  
DA  C8    N7     doub Y N 26  
DA  C8    H8     sing N N 27  
DA  N7    C5     sing Y N 28  
DA  C5    C6     sing Y N 29  
DA  C5    C4     doub Y N 30  
DA  C6    N6     sing N N 31  
DA  C6    N1     doub Y N 32  
DA  N6    H61    sing N N 33  
DA  N6    H62    sing N N 34  
DA  N1    C2     sing Y N 35  
DA  C2    N3     doub Y N 36  
DA  C2    H2     sing N N 37  
DA  N3    C4     sing Y N 38  
DC  OP3   P      sing N N 39  
DC  OP3   HOP3   sing N N 40  
DC  P     OP1    doub N N 41  
DC  P     OP2    sing N N 42  
DC  P     "O5'"  sing N N 43  
DC  OP2   HOP2   sing N N 44  
DC  "O5'" "C5'"  sing N N 45  
DC  "C5'" "C4'"  sing N N 46  
DC  "C5'" "H5'"  sing N N 47  
DC  "C5'" "H5''" sing N N 48  
DC  "C4'" "O4'"  sing N N 49  
DC  "C4'" "C3'"  sing N N 50  
DC  "C4'" "H4'"  sing N N 51  
DC  "O4'" "C1'"  sing N N 52  
DC  "C3'" "O3'"  sing N N 53  
DC  "C3'" "C2'"  sing N N 54  
DC  "C3'" "H3'"  sing N N 55  
DC  "O3'" "HO3'" sing N N 56  
DC  "C2'" "C1'"  sing N N 57  
DC  "C2'" "H2'"  sing N N 58  
DC  "C2'" "H2''" sing N N 59  
DC  "C1'" N1     sing N N 60  
DC  "C1'" "H1'"  sing N N 61  
DC  N1    C2     sing N N 62  
DC  N1    C6     sing N N 63  
DC  C2    O2     doub N N 64  
DC  C2    N3     sing N N 65  
DC  N3    C4     doub N N 66  
DC  C4    N4     sing N N 67  
DC  C4    C5     sing N N 68  
DC  N4    H41    sing N N 69  
DC  N4    H42    sing N N 70  
DC  C5    C6     doub N N 71  
DC  C5    H5     sing N N 72  
DC  C6    H6     sing N N 73  
DG  OP3   P      sing N N 74  
DG  OP3   HOP3   sing N N 75  
DG  P     OP1    doub N N 76  
DG  P     OP2    sing N N 77  
DG  P     "O5'"  sing N N 78  
DG  OP2   HOP2   sing N N 79  
DG  "O5'" "C5'"  sing N N 80  
DG  "C5'" "C4'"  sing N N 81  
DG  "C5'" "H5'"  sing N N 82  
DG  "C5'" "H5''" sing N N 83  
DG  "C4'" "O4'"  sing N N 84  
DG  "C4'" "C3'"  sing N N 85  
DG  "C4'" "H4'"  sing N N 86  
DG  "O4'" "C1'"  sing N N 87  
DG  "C3'" "O3'"  sing N N 88  
DG  "C3'" "C2'"  sing N N 89  
DG  "C3'" "H3'"  sing N N 90  
DG  "O3'" "HO3'" sing N N 91  
DG  "C2'" "C1'"  sing N N 92  
DG  "C2'" "H2'"  sing N N 93  
DG  "C2'" "H2''" sing N N 94  
DG  "C1'" N9     sing N N 95  
DG  "C1'" "H1'"  sing N N 96  
DG  N9    C8     sing Y N 97  
DG  N9    C4     sing Y N 98  
DG  C8    N7     doub Y N 99  
DG  C8    H8     sing N N 100 
DG  N7    C5     sing Y N 101 
DG  C5    C6     sing N N 102 
DG  C5    C4     doub Y N 103 
DG  C6    O6     doub N N 104 
DG  C6    N1     sing N N 105 
DG  N1    C2     sing N N 106 
DG  N1    H1     sing N N 107 
DG  C2    N2     sing N N 108 
DG  C2    N3     doub N N 109 
DG  N2    H21    sing N N 110 
DG  N2    H22    sing N N 111 
DG  N3    C4     sing N N 112 
DT  OP3   P      sing N N 113 
DT  OP3   HOP3   sing N N 114 
DT  P     OP1    doub N N 115 
DT  P     OP2    sing N N 116 
DT  P     "O5'"  sing N N 117 
DT  OP2   HOP2   sing N N 118 
DT  "O5'" "C5'"  sing N N 119 
DT  "C5'" "C4'"  sing N N 120 
DT  "C5'" "H5'"  sing N N 121 
DT  "C5'" "H5''" sing N N 122 
DT  "C4'" "O4'"  sing N N 123 
DT  "C4'" "C3'"  sing N N 124 
DT  "C4'" "H4'"  sing N N 125 
DT  "O4'" "C1'"  sing N N 126 
DT  "C3'" "O3'"  sing N N 127 
DT  "C3'" "C2'"  sing N N 128 
DT  "C3'" "H3'"  sing N N 129 
DT  "O3'" "HO3'" sing N N 130 
DT  "C2'" "C1'"  sing N N 131 
DT  "C2'" "H2'"  sing N N 132 
DT  "C2'" "H2''" sing N N 133 
DT  "C1'" N1     sing N N 134 
DT  "C1'" "H1'"  sing N N 135 
DT  N1    C2     sing N N 136 
DT  N1    C6     sing N N 137 
DT  C2    O2     doub N N 138 
DT  C2    N3     sing N N 139 
DT  N3    C4     sing N N 140 
DT  N3    H3     sing N N 141 
DT  C4    O4     doub N N 142 
DT  C4    C5     sing N N 143 
DT  C5    C7     sing N N 144 
DT  C5    C6     doub N N 145 
DT  C7    H71    sing N N 146 
DT  C7    H72    sing N N 147 
DT  C7    H73    sing N N 148 
DT  C6    H6     sing N N 149 
HOH O     H1     sing N N 150 
HOH O     H2     sing N N 151 
RKL RU    N1     sing N N 152 
RKL RU    N2     sing N N 153 
RKL RU    N5     sing N N 154 
RKL RU    N8     sing N N 155 
RKL RU    N9     sing N N 156 
RKL RU    N12    sing N N 157 
RKL C1    N2     doub Y N 158 
RKL C1    C5     sing Y N 159 
RKL C1    C10    sing Y N 160 
RKL N1    C10    doub Y N 161 
RKL N1    C12    sing Y N 162 
RKL C2    N2     sing Y N 163 
RKL C2    C3     doub Y N 164 
RKL C2    H2     sing N N 165 
RKL C3    C4     sing Y N 166 
RKL C3    H3     sing N N 167 
RKL N3    C6     doub Y N 168 
RKL N3    C15    sing Y N 169 
RKL C4    C5     doub Y N 170 
RKL C4    H4     sing N N 171 
RKL N4    C7     doub Y N 172 
RKL N4    C13    sing Y N 173 
RKL C5    C6     sing Y N 174 
RKL N5    C19    doub Y N 175 
RKL N5    C20    sing Y N 176 
RKL C6    C7     sing Y N 177 
RKL N6    C21    sing Y N 178 
RKL N6    C22    doub Y N 179 
RKL C7    C8     sing Y N 180 
RKL N7    C25    doub Y N 181 
RKL N7    C27    sing Y N 182 
RKL C8    C9     doub Y N 183 
RKL C8    C10    sing Y N 184 
RKL N8    C26    doub Y N 185 
RKL N8    C28    sing Y N 186 
RKL C9    C11    sing Y N 187 
RKL C9    H9     sing N N 188 
RKL N9    C29    doub Y N 189 
RKL N9    C30    sing Y N 190 
RKL N10   C31    sing Y N 191 
RKL N10   C32    doub Y N 192 
RKL C11   C12    doub Y N 193 
RKL C11   H11    sing N N 194 
RKL N11   C35    doub Y N 195 
RKL N11   C37    sing Y N 196 
RKL C12   H12    sing N N 197 
RKL N12   C36    doub Y N 198 
RKL N12   C38    sing Y N 199 
RKL C13   C14    sing Y N 200 
RKL C13   C15    doub Y N 201 
RKL C14   C18    doub Y N 202 
RKL C14   H14    sing N N 203 
RKL C15   C16    sing Y N 204 
RKL C16   C17    doub Y N 205 
RKL C16   H16    sing N N 206 
RKL C17   C18    sing Y N 207 
RKL C17   H17    sing N N 208 
RKL C18   H18    sing N N 209 
RKL C19   C22    sing Y N 210 
RKL C19   C26    sing Y N 211 
RKL C20   C21    doub Y N 212 
RKL C20   H20    sing N N 213 
RKL C21   H21    sing N N 214 
RKL C22   C23    sing Y N 215 
RKL C23   C24    doub Y N 216 
RKL C23   H23    sing N N 217 
RKL C24   C25    sing Y N 218 
RKL C24   H24    sing N N 219 
RKL C25   C26    sing Y N 220 
RKL C27   C28    doub Y N 221 
RKL C27   H27    sing N N 222 
RKL C28   H28    sing N N 223 
RKL C29   C32    sing Y N 224 
RKL C29   C36    sing Y N 225 
RKL C30   C31    doub Y N 226 
RKL C30   H30    sing N N 227 
RKL C31   H31    sing N N 228 
RKL C32   C33    sing Y N 229 
RKL C33   C34    doub Y N 230 
RKL C33   H33    sing N N 231 
RKL C34   C35    sing Y N 232 
RKL C34   H34    sing N N 233 
RKL C35   C36    sing Y N 234 
RKL C37   C38    doub Y N 235 
RKL C37   H37    sing N N 236 
RKL C38   H38    sing N N 237 
# 
loop_
_ndb_struct_conf_na.entry_id 
_ndb_struct_conf_na.feature 
5IP8 'double helix'        
5IP8 'b-form double helix' 
# 
loop_
_ndb_struct_na_base_pair.model_number 
_ndb_struct_na_base_pair.i_label_asym_id 
_ndb_struct_na_base_pair.i_label_comp_id 
_ndb_struct_na_base_pair.i_label_seq_id 
_ndb_struct_na_base_pair.i_symmetry 
_ndb_struct_na_base_pair.j_label_asym_id 
_ndb_struct_na_base_pair.j_label_comp_id 
_ndb_struct_na_base_pair.j_label_seq_id 
_ndb_struct_na_base_pair.j_symmetry 
_ndb_struct_na_base_pair.shear 
_ndb_struct_na_base_pair.stretch 
_ndb_struct_na_base_pair.stagger 
_ndb_struct_na_base_pair.buckle 
_ndb_struct_na_base_pair.propeller 
_ndb_struct_na_base_pair.opening 
_ndb_struct_na_base_pair.pair_number 
_ndb_struct_na_base_pair.pair_name 
_ndb_struct_na_base_pair.i_auth_asym_id 
_ndb_struct_na_base_pair.i_auth_seq_id 
_ndb_struct_na_base_pair.i_PDB_ins_code 
_ndb_struct_na_base_pair.j_auth_asym_id 
_ndb_struct_na_base_pair.j_auth_seq_id 
_ndb_struct_na_base_pair.j_PDB_ins_code 
_ndb_struct_na_base_pair.hbond_type_28 
_ndb_struct_na_base_pair.hbond_type_12 
1 A DC 1  1_555 B DG 10 1_555 0.384  2.181  0.144  -2.319  7.246   -78.656 1  B_DC1:DG10_A B 1  ? A 10 ? ?  ? 
1 A DC 2  1_555 B DG 9  1_555 0.233  -0.071 0.029  -6.766  5.014   0.036   2  B_DC2:DG9_A  B 2  ? A 9  ? 19 1 
1 A DG 3  1_555 B DC 8  1_555 -0.197 -0.026 0.210  26.920  -5.453  0.402   3  B_DG3:DC8_A  B 3  ? A 8  ? 19 1 
1 A DG 4  1_555 B DC 7  1_555 -0.191 -0.091 -0.224 -14.359 1.730   1.586   4  B_DG4:DC7_A  B 4  ? A 7  ? 19 1 
1 A DA 5  1_555 B DT 6  1_555 0.043  -0.345 0.389  -3.877  -6.296  8.319   5  B_DA5:DT6_A  B 5  ? A 6  ? 20 1 
1 A DG 6  1_555 B DC 5  1_555 0.185  0.052  0.486  4.941   -3.781  -0.750  6  B_DG6:DC5_A  B 6  ? A 5  ? 19 1 
1 A DC 7  1_555 B DG 4  1_555 0.240  -0.114 -0.213 14.203  2.583   -0.053  7  B_DC7:DG4_A  B 7  ? A 4  ? 19 1 
1 A DC 8  1_555 B DG 3  1_555 0.178  -0.009 0.279  -27.008 -5.256  0.517   8  B_DC8:DG3_A  B 8  ? A 3  ? 19 1 
1 A DG 9  1_555 B DC 2  1_555 -0.240 -0.054 0.060  6.443   5.539   0.035   9  B_DG9:DC2_A  B 9  ? A 2  ? 19 1 
1 A DG 10 1_555 B DC 1  1_555 -0.363 -1.803 -1.788 22.318  -16.505 80.985  10 B_DG10:DC1_A B 10 ? A 1  ? ?  ? 
# 
loop_
_ndb_struct_na_base_pair_step.model_number 
_ndb_struct_na_base_pair_step.i_label_asym_id_1 
_ndb_struct_na_base_pair_step.i_label_comp_id_1 
_ndb_struct_na_base_pair_step.i_label_seq_id_1 
_ndb_struct_na_base_pair_step.i_symmetry_1 
_ndb_struct_na_base_pair_step.j_label_asym_id_1 
_ndb_struct_na_base_pair_step.j_label_comp_id_1 
_ndb_struct_na_base_pair_step.j_label_seq_id_1 
_ndb_struct_na_base_pair_step.j_symmetry_1 
_ndb_struct_na_base_pair_step.i_label_asym_id_2 
_ndb_struct_na_base_pair_step.i_label_comp_id_2 
_ndb_struct_na_base_pair_step.i_label_seq_id_2 
_ndb_struct_na_base_pair_step.i_symmetry_2 
_ndb_struct_na_base_pair_step.j_label_asym_id_2 
_ndb_struct_na_base_pair_step.j_label_comp_id_2 
_ndb_struct_na_base_pair_step.j_label_seq_id_2 
_ndb_struct_na_base_pair_step.j_symmetry_2 
_ndb_struct_na_base_pair_step.shift 
_ndb_struct_na_base_pair_step.slide 
_ndb_struct_na_base_pair_step.rise 
_ndb_struct_na_base_pair_step.tilt 
_ndb_struct_na_base_pair_step.roll 
_ndb_struct_na_base_pair_step.twist 
_ndb_struct_na_base_pair_step.x_displacement 
_ndb_struct_na_base_pair_step.y_displacement 
_ndb_struct_na_base_pair_step.helical_rise 
_ndb_struct_na_base_pair_step.inclination 
_ndb_struct_na_base_pair_step.tip 
_ndb_struct_na_base_pair_step.helical_twist 
_ndb_struct_na_base_pair_step.step_number 
_ndb_struct_na_base_pair_step.step_name 
_ndb_struct_na_base_pair_step.i_auth_asym_id_1 
_ndb_struct_na_base_pair_step.i_auth_seq_id_1 
_ndb_struct_na_base_pair_step.i_PDB_ins_code_1 
_ndb_struct_na_base_pair_step.j_auth_asym_id_1 
_ndb_struct_na_base_pair_step.j_auth_seq_id_1 
_ndb_struct_na_base_pair_step.j_PDB_ins_code_1 
_ndb_struct_na_base_pair_step.i_auth_asym_id_2 
_ndb_struct_na_base_pair_step.i_auth_seq_id_2 
_ndb_struct_na_base_pair_step.i_PDB_ins_code_2 
_ndb_struct_na_base_pair_step.j_auth_asym_id_2 
_ndb_struct_na_base_pair_step.j_auth_seq_id_2 
_ndb_struct_na_base_pair_step.j_PDB_ins_code_2 
1 A DC 2 1_555 B DG 9 1_555 A DG 3  1_555 B DC 8 1_555 -0.044 1.611  2.699  0.591   4.537   20.156 2.748  0.349  2.982 12.751  
-1.662  20.664  1 BB_DC2DG3:DC8DG9_AA  B 2 ? A 9 ? B 3  ? A 8 ? 
1 A DG 3 1_555 B DC 8 1_555 A DG 4  1_555 B DC 7 1_555 -0.121 0.940  5.420  -1.156  53.000  13.080 -5.479 -0.009 2.261 77.117  
1.681   54.489  2 BB_DG3DG4:DC7DC8_AA  B 3 ? A 8 ? B 4  ? A 7 ? 
1 A DG 4 1_555 B DC 7 1_555 A DA 5  1_555 B DT 6 1_555 -1.043 0.592  3.192  -8.947  7.176   32.099 -0.179 0.299  3.404 12.491  
15.572  34.035  3 BB_DG4DA5:DT6DC7_AA  B 4 ? A 7 ? B 5  ? A 6 ? 
1 A DA 5 1_555 B DT 6 1_555 A DG 6  1_555 B DC 5 1_555 -0.262 -0.066 3.192  -0.395  9.519   30.279 -1.829 0.409  3.036 17.682  
0.733   31.709  4 BB_DA5DG6:DC5DT6_AA  B 5 ? A 6 ? B 6  ? A 5 ? 
1 A DG 6 1_555 B DC 5 1_555 A DC 7  1_555 B DG 4 1_555 0.820  -0.180 3.206  8.605   8.252   33.411 -1.518 -0.074 3.182 13.819  
-14.409 35.417  5 BB_DG6DC7:DG4DC5_AA  B 6 ? A 5 ? B 7  ? A 4 ? 
1 A DC 7 1_555 B DG 4 1_555 A DC 8  1_555 B DG 3 1_555 0.048  0.941  5.446  0.103   52.133  14.078 -5.506 -0.040 2.379 75.936  
-0.150  53.872  6 BB_DC7DC8:DG3DG4_AA  B 7 ? A 4 ? B 8  ? A 3 ? 
1 A DC 8 1_555 B DG 3 1_555 A DG 9  1_555 B DC 2 1_555 0.030  1.582  2.707  -0.280  3.927   19.787 2.942  -0.199 2.961 11.282  
0.805   20.171  7 BB_DC8DG9:DC2DG3_AA  B 8 ? A 3 ? B 9  ? A 2 ? 
1 A DG 9 1_555 B DC 2 1_555 A DG 10 1_555 B DC 1 1_555 4.263  5.522  -0.745 162.569 -42.771 80.064 2.820  -1.947 1.595 -21.923 
-83.329 170.896 8 BB_DG9DG10:DC1DC2_AA B 9 ? A 2 ? B 10 ? A 1 ? 
# 
loop_
_pdbx_audit_support.funding_organization 
_pdbx_audit_support.country 
_pdbx_audit_support.grant_number 
_pdbx_audit_support.ordinal 
'Biotechnology and Biological Sciences Research Council' 'United Kingdom' BB/K019279/1 1 
'Biotechnology and Biological Sciences Research Council' 'United Kingdom' BB/M004635/1 2 
# 
_atom_sites.entry_id                    5IP8 
_atom_sites.fract_transf_matrix[1][1]   -0.00700442 
_atom_sites.fract_transf_matrix[1][2]   0.01512860 
_atom_sites.fract_transf_matrix[1][3]   -0.01289260 
_atom_sites.fract_transf_matrix[2][1]   0.01935493 
_atom_sites.fract_transf_matrix[2][2]   0.00830339 
_atom_sites.fract_transf_matrix[2][3]   -0.00077186 
_atom_sites.fract_transf_matrix[3][1]   0.00611261 
_atom_sites.fract_transf_matrix[3][2]   -0.01633927 
_atom_sites.fract_transf_matrix[3][3]   -0.02249395 
_atom_sites.fract_transf_vector[1]      0.256637 
_atom_sites.fract_transf_vector[2]      0.244824 
_atom_sites.fract_transf_vector[3]      0.108389 
# 
loop_
_atom_type.symbol 
BA 
C  
N  
O  
P  
RU 
# 
loop_
_atom_site.group_PDB 
_atom_site.id 
_atom_site.type_symbol 
_atom_site.label_atom_id 
_atom_site.label_alt_id 
_atom_site.label_comp_id 
_atom_site.label_asym_id 
_atom_site.label_entity_id 
_atom_site.label_seq_id 
_atom_site.pdbx_PDB_ins_code 
_atom_site.Cartn_x 
_atom_site.Cartn_y 
_atom_site.Cartn_z 
_atom_site.occupancy 
_atom_site.B_iso_or_equiv 
_atom_site.pdbx_formal_charge 
_atom_site.auth_seq_id 
_atom_site.auth_comp_id 
_atom_site.auth_asym_id 
_atom_site.auth_atom_id 
_atom_site.pdbx_PDB_model_num 
ATOM   1   O  "O5'" . DC  A 1 1  ? 4.715   2.312   18.160  0.70 62.77 ? 1   DC  B "O5'" 1 
ATOM   2   C  "C5'" . DC  A 1 1  ? 5.189   1.050   17.650  0.70 61.75 ? 1   DC  B "C5'" 1 
ATOM   3   C  "C4'" . DC  A 1 1  ? 4.020   0.137   17.373  0.70 64.79 ? 1   DC  B "C4'" 1 
ATOM   4   O  "O4'" . DC  A 1 1  ? 2.894   0.566   18.165  0.70 64.97 ? 1   DC  B "O4'" 1 
ATOM   5   C  "C3'" . DC  A 1 1  ? 3.514   0.170   15.937  0.70 68.97 ? 1   DC  B "C3'" 1 
ATOM   6   O  "O3'" . DC  A 1 1  ? 4.159   -0.727  15.014  0.70 75.08 ? 1   DC  B "O3'" 1 
ATOM   7   C  "C2'" . DC  A 1 1  ? 2.050   -0.180  16.088  0.70 71.68 ? 1   DC  B "C2'" 1 
ATOM   8   C  "C1'" . DC  A 1 1  ? 1.690   0.178   17.528  0.70 67.38 ? 1   DC  B "C1'" 1 
ATOM   9   N  N1    . DC  A 1 1  ? 0.733   1.293   17.657  0.70 65.89 ? 1   DC  B N1    1 
ATOM   10  C  C2    . DC  A 1 1  ? -0.592  1.030   18.040  0.70 55.84 ? 1   DC  B C2    1 
ATOM   11  O  O2    . DC  A 1 1  ? -0.927  -0.130  18.290  0.70 47.72 ? 1   DC  B O2    1 
ATOM   12  N  N3    . DC  A 1 1  ? -1.460  2.059   18.161  0.70 66.70 ? 1   DC  B N3    1 
ATOM   13  C  C4    . DC  A 1 1  ? -1.050  3.310   17.928  0.70 77.06 ? 1   DC  B C4    1 
ATOM   14  N  N4    . DC  A 1 1  ? -1.941  4.298   18.064  0.70 78.36 ? 1   DC  B N4    1 
ATOM   15  C  C5    . DC  A 1 1  ? 0.287   3.603   17.531  0.70 74.24 ? 1   DC  B C5    1 
ATOM   16  C  C6    . DC  A 1 1  ? 1.136   2.574   17.406  0.70 70.79 ? 1   DC  B C6    1 
ATOM   17  P  P     . DC  A 1 2  ? 4.347   -0.266  13.423  1.00 99.66 ? 2   DC  B P     1 
ATOM   18  O  OP1   . DC  A 1 2  ? 5.790   -0.246  13.070  1.00 81.24 ? 2   DC  B OP1   1 
ATOM   19  O  OP2   . DC  A 1 2  ? 3.482   0.924   13.142  1.00 92.33 ? 2   DC  B OP2   1 
ATOM   20  O  "O5'" . DC  A 1 2  ? 3.737   -1.473  12.580  1.00 58.16 ? 2   DC  B "O5'" 1 
ATOM   21  C  "C5'" . DC  A 1 2  ? 3.583   -2.770  13.146  1.00 49.32 ? 2   DC  B "C5'" 1 
ATOM   22  C  "C4'" . DC  A 1 2  ? 2.677   -3.605  12.280  1.00 41.01 ? 2   DC  B "C4'" 1 
ATOM   23  O  "O4'" . DC  A 1 2  ? 1.308   -3.379  12.665  1.00 39.09 ? 2   DC  B "O4'" 1 
ATOM   24  C  "C3'" . DC  A 1 2  ? 2.717   -3.385  10.770  1.00 42.59 ? 2   DC  B "C3'" 1 
ATOM   25  O  "O3'" . DC  A 1 2  ? 3.681   -4.311  10.264  1.00 39.71 ? 2   DC  B "O3'" 1 
ATOM   26  C  "C2'" . DC  A 1 2  ? 1.298   -3.718  10.339  1.00 34.99 ? 2   DC  B "C2'" 1 
ATOM   27  C  "C1'" . DC  A 1 2  ? 0.453   -3.457  11.540  1.00 37.34 ? 2   DC  B "C1'" 1 
ATOM   28  N  N1    . DC  A 1 2  ? -0.325  -2.214  11.480  1.00 34.37 ? 2   DC  B N1    1 
ATOM   29  C  C2    . DC  A 1 2  ? -1.662  -2.246  11.912  1.00 37.06 ? 2   DC  B C2    1 
ATOM   30  O  O2    . DC  A 1 2  ? -2.148  -3.332  12.289  1.00 35.82 ? 2   DC  B O2    1 
ATOM   31  N  N3    . DC  A 1 2  ? -2.401  -1.119  11.844  1.00 37.27 ? 2   DC  B N3    1 
ATOM   32  C  C4    . DC  A 1 2  ? -1.828  0.038   11.484  1.00 40.46 ? 2   DC  B C4    1 
ATOM   33  N  N4    . DC  A 1 2  ? -2.575  1.143   11.506  1.00 43.35 ? 2   DC  B N4    1 
ATOM   34  C  C5    . DC  A 1 2  ? -0.455  0.115   11.110  1.00 41.10 ? 2   DC  B C5    1 
ATOM   35  C  C6    . DC  A 1 2  ? 0.253   -1.028  11.114  1.00 39.21 ? 2   DC  B C6    1 
ATOM   36  P  P     . DG  A 1 3  ? 4.041   -4.430  8.705   1.00 44.03 ? 3   DG  B P     1 
ATOM   37  O  OP1   . DG  A 1 3  ? 5.263   -5.300  8.600   1.00 47.01 ? 3   DG  B OP1   1 
ATOM   38  O  OP2   . DG  A 1 3  ? 4.033   -3.091  8.097   1.00 44.42 ? 3   DG  B OP2   1 
ATOM   39  O  "O5'" . DG  A 1 3  ? 2.861   -5.305  8.103   1.00 41.10 ? 3   DG  B "O5'" 1 
ATOM   40  C  "C5'" . DG  A 1 3  ? 2.725   -6.693  8.444   1.00 39.09 ? 3   DG  B "C5'" 1 
ATOM   41  C  "C4'" . DG  A 1 3  ? 1.393   -7.235  7.990   1.00 40.18 ? 3   DG  B "C4'" 1 
ATOM   42  O  "O4'" . DG  A 1 3  ? 0.284   -6.649  8.729   1.00 42.85 ? 3   DG  B "O4'" 1 
ATOM   43  C  "C3'" . DG  A 1 3  ? 1.063   -7.045  6.510   1.00 45.18 ? 3   DG  B "C3'" 1 
ATOM   44  O  "O3'" . DG  A 1 3  ? 1.505   -8.245  5.880   1.00 45.39 ? 3   DG  B "O3'" 1 
ATOM   45  C  "C2'" . DG  A 1 3  ? -0.463  -7.014  6.487   1.00 43.57 ? 3   DG  B "C2'" 1 
ATOM   46  C  "C1'" . DG  A 1 3  ? -0.821  -6.401  7.843   1.00 43.88 ? 3   DG  B "C1'" 1 
ATOM   47  N  N9    . DG  A 1 3  ? -1.047  -4.961  7.805   1.00 42.79 ? 3   DG  B N9    1 
ATOM   48  C  C8    . DG  A 1 3  ? -0.243  -4.001  7.243   1.00 37.86 ? 3   DG  B C8    1 
ATOM   49  N  N7    . DG  A 1 3  ? -0.692  -2.786  7.421   1.00 38.99 ? 3   DG  B N7    1 
ATOM   50  C  C5    . DG  A 1 3  ? -1.838  -2.955  8.185   1.00 37.00 ? 3   DG  B C5    1 
ATOM   51  C  C6    . DG  A 1 3  ? -2.781  -2.006  8.619   1.00 35.36 ? 3   DG  B C6    1 
ATOM   52  O  O6    . DG  A 1 3  ? -2.751  -0.789  8.475   1.00 35.85 ? 3   DG  B O6    1 
ATOM   53  N  N1    . DG  A 1 3  ? -3.814  -2.601  9.337   1.00 39.10 ? 3   DG  B N1    1 
ATOM   54  C  C2    . DG  A 1 3  ? -3.977  -3.948  9.517   1.00 39.96 ? 3   DG  B C2    1 
ATOM   55  N  N2    . DG  A 1 3  ? -5.066  -4.327  10.215  1.00 38.21 ? 3   DG  B N2    1 
ATOM   56  N  N3    . DG  A 1 3  ? -3.098  -4.853  9.115   1.00 38.47 ? 3   DG  B N3    1 
ATOM   57  C  C4    . DG  A 1 3  ? -2.079  -4.287  8.423   1.00 36.55 ? 3   DG  B C4    1 
ATOM   58  P  P     . DG  A 1 4  ? 2.286   -8.181  4.502   1.00 45.90 ? 4   DG  B P     1 
ATOM   59  O  OP1   . DG  A 1 4  ? 2.672   -9.586  4.173   1.00 45.62 ? 4   DG  B OP1   1 
ATOM   60  O  OP2   . DG  A 1 4  ? 3.290   -7.118  4.609   1.00 44.59 ? 4   DG  B OP2   1 
ATOM   61  O  "O5'" . DG  A 1 4  ? 1.148   -7.774  3.482   1.00 46.24 ? 4   DG  B "O5'" 1 
ATOM   62  C  "C5'" . DG  A 1 4  ? 0.102   -8.759  3.255   1.00 43.16 ? 4   DG  B "C5'" 1 
ATOM   63  C  "C4'" . DG  A 1 4  ? -0.904  -8.278  2.243   1.00 43.99 ? 4   DG  B "C4'" 1 
ATOM   64  O  "O4'" . DG  A 1 4  ? -1.582  -7.110  2.764   1.00 43.24 ? 4   DG  B "O4'" 1 
ATOM   65  C  "C3'" . DG  A 1 4  ? -0.302  -7.851  0.901   1.00 43.74 ? 4   DG  B "C3'" 1 
ATOM   66  O  "O3'" . DG  A 1 4  ? -1.300  -8.090  -0.098  1.00 51.87 ? 4   DG  B "O3'" 1 
ATOM   67  C  "C2'" . DG  A 1 4  ? -0.084  -6.365  1.120   1.00 44.78 ? 4   DG  B "C2'" 1 
ATOM   68  C  "C1'" . DG  A 1 4  ? -1.364  -6.014  1.900   1.00 35.75 ? 4   DG  B "C1'" 1 
ATOM   69  N  N9    . DG  A 1 4  ? -1.269  -4.806  2.705   1.00 40.73 ? 4   DG  B N9    1 
ATOM   70  C  C8    . DG  A 1 4  ? -0.154  -4.379  3.374   1.00 37.37 ? 4   DG  B C8    1 
ATOM   71  N  N7    . DG  A 1 4  ? -0.321  -3.235  3.969   1.00 40.44 ? 4   DG  B N7    1 
ATOM   72  C  C5    . DG  A 1 4  ? -1.635  -2.895  3.700   1.00 36.29 ? 4   DG  B C5    1 
ATOM   73  C  C6    . DG  A 1 4  ? -2.395  -1.771  4.123   1.00 37.16 ? 4   DG  B C6    1 
ATOM   74  O  O6    . DG  A 1 4  ? -2.032  -0.809  4.833   1.00 39.86 ? 4   DG  B O6    1 
ATOM   75  N  N1    . DG  A 1 4  ? -3.677  -1.794  3.586   1.00 38.60 ? 4   DG  B N1    1 
ATOM   76  C  C2    . DG  A 1 4  ? -4.171  -2.785  2.773   1.00 36.69 ? 4   DG  B C2    1 
ATOM   77  N  N2    . DG  A 1 4  ? -5.449  -2.652  2.396   1.00 42.62 ? 4   DG  B N2    1 
ATOM   78  N  N3    . DG  A 1 4  ? -3.481  -3.852  2.400   1.00 41.92 ? 4   DG  B N3    1 
ATOM   79  C  C4    . DG  A 1 4  ? -2.220  -3.827  2.876   1.00 37.73 ? 4   DG  B C4    1 
ATOM   80  P  P     . DA  A 1 5  ? -0.936  -8.168  -1.690  1.00 60.69 ? 5   DA  B P     1 
ATOM   81  O  OP1   . DA  A 1 5  ? -0.926  -9.595  -2.049  1.00 63.95 ? 5   DA  B OP1   1 
ATOM   82  O  OP2   . DA  A 1 5  ? 0.244   -7.322  -1.968  1.00 52.49 ? 5   DA  B OP2   1 
ATOM   83  O  "O5'" . DA  A 1 5  ? -2.162  -7.417  -2.364  1.00 56.55 ? 5   DA  B "O5'" 1 
ATOM   84  C  "C5'" . DA  A 1 5  ? -3.496  -7.886  -2.156  1.00 51.07 ? 5   DA  B "C5'" 1 
ATOM   85  C  "C4'" . DA  A 1 5  ? -4.462  -6.865  -2.693  1.00 56.91 ? 5   DA  B "C4'" 1 
ATOM   86  O  "O4'" . DA  A 1 5  ? -4.522  -5.750  -1.786  1.00 46.09 ? 5   DA  B "O4'" 1 
ATOM   87  C  "C3'" . DA  A 1 5  ? -4.078  -6.301  -4.060  1.00 58.28 ? 5   DA  B "C3'" 1 
ATOM   88  O  "O3'" . DA  A 1 5  ? -5.147  -6.256  -4.993  1.00 70.02 ? 5   DA  B "O3'" 1 
ATOM   89  C  "C2'" . DA  A 1 5  ? -3.696  -4.864  -3.797  1.00 54.13 ? 5   DA  B "C2'" 1 
ATOM   90  C  "C1'" . DA  A 1 5  ? -4.319  -4.535  -2.465  1.00 51.30 ? 5   DA  B "C1'" 1 
ATOM   91  N  N9    . DA  A 1 5  ? -3.377  -3.775  -1.664  1.00 48.49 ? 5   DA  B N9    1 
ATOM   92  C  C8    . DA  A 1 5  ? -2.099  -4.116  -1.295  1.00 49.09 ? 5   DA  B C8    1 
ATOM   93  N  N7    . DA  A 1 5  ? -1.504  -3.212  -0.560  1.00 40.96 ? 5   DA  B N7    1 
ATOM   94  C  C5    . DA  A 1 5  ? -2.472  -2.234  -0.393  1.00 46.57 ? 5   DA  B C5    1 
ATOM   95  C  C6    . DA  A 1 5  ? -2.458  -1.013  0.276   1.00 44.92 ? 5   DA  B C6    1 
ATOM   96  N  N6    . DA  A 1 5  ? -1.407  -0.571  0.970   1.00 49.51 ? 5   DA  B N6    1 
ATOM   97  N  N1    . DA  A 1 5  ? -3.564  -0.238  0.194   1.00 52.86 ? 5   DA  B N1    1 
ATOM   98  C  C2    . DA  A 1 5  ? -4.624  -0.701  -0.494  1.00 52.03 ? 5   DA  B C2    1 
ATOM   99  N  N3    . DA  A 1 5  ? -4.749  -1.834  -1.178  1.00 46.54 ? 5   DA  B N3    1 
ATOM   100 C  C4    . DA  A 1 5  ? -3.617  -2.552  -1.100  1.00 47.61 ? 5   DA  B C4    1 
ATOM   101 P  P     . DG  A 1 6  ? -4.777  -5.882  -6.494  1.00 77.29 ? 6   DG  B P     1 
ATOM   102 O  OP1   . DG  A 1 6  ? -5.134  -7.051  -7.342  1.00 92.86 ? 6   DG  B OP1   1 
ATOM   103 O  OP2   . DG  A 1 6  ? -3.367  -5.403  -6.501  1.00 60.03 ? 6   DG  B OP2   1 
ATOM   104 O  "O5'" . DG  A 1 6  ? -5.747  -4.674  -6.838  1.00 60.22 ? 6   DG  B "O5'" 1 
ATOM   105 C  "C5'" . DG  A 1 6  ? -6.491  -3.894  -5.895  1.00 66.37 ? 6   DG  B "C5'" 1 
ATOM   106 C  "C4'" . DG  A 1 6  ? -6.494  -2.461  -6.368  1.00 67.99 ? 6   DG  B "C4'" 1 
ATOM   107 O  "O4'" . DG  A 1 6  ? -5.728  -1.648  -5.450  1.00 58.39 ? 6   DG  B "O4'" 1 
ATOM   108 C  "C3'" . DG  A 1 6  ? -5.833  -2.258  -7.733  1.00 71.72 ? 6   DG  B "C3'" 1 
ATOM   109 O  "O3'" . DG  A 1 6  ? -6.339  -1.095  -8.383  1.00 65.19 ? 6   DG  B "O3'" 1 
ATOM   110 C  "C2'" . DG  A 1 6  ? -4.391  -2.007  -7.359  1.00 68.24 ? 6   DG  B "C2'" 1 
ATOM   111 C  "C1'" . DG  A 1 6  ? -4.583  -1.154  -6.129  1.00 66.48 ? 6   DG  B "C1'" 1 
ATOM   112 N  N9    . DG  A 1 6  ? -3.469  -1.156  -5.192  1.00 58.41 ? 6   DG  B N9    1 
ATOM   113 C  C8    . DG  A 1 6  ? -2.439  -2.059  -5.057  1.00 57.45 ? 6   DG  B C8    1 
ATOM   114 N  N7    . DG  A 1 6  ? -1.564  -1.704  -4.157  1.00 53.55 ? 6   DG  B N7    1 
ATOM   115 C  C5    . DG  A 1 6  ? -2.045  -0.496  -3.676  1.00 51.56 ? 6   DG  B C5    1 
ATOM   116 C  C6    . DG  A 1 6  ? -1.528  0.366   -2.685  1.00 48.56 ? 6   DG  B C6    1 
ATOM   117 O  O6    . DG  A 1 6  ? -0.516  0.221   -1.995  1.00 46.17 ? 6   DG  B O6    1 
ATOM   118 N  N1    . DG  A 1 6  ? -2.353  1.470   -2.486  1.00 52.00 ? 6   DG  B N1    1 
ATOM   119 C  C2    . DG  A 1 6  ? -3.505  1.732   -3.190  1.00 49.73 ? 6   DG  B C2    1 
ATOM   120 N  N2    . DG  A 1 6  ? -4.139  2.871   -2.903  1.00 56.65 ? 6   DG  B N2    1 
ATOM   121 N  N3    . DG  A 1 6  ? -3.995  0.937   -4.113  1.00 51.94 ? 6   DG  B N3    1 
ATOM   122 C  C4    . DG  A 1 6  ? -3.222  -0.151  -4.305  1.00 51.16 ? 6   DG  B C4    1 
ATOM   123 P  P     . DC  A 1 7  ? -6.008  -0.825  -9.943  1.00 63.81 ? 7   DC  B P     1 
ATOM   124 O  OP1   . DC  A 1 7  ? -7.248  -0.284  -10.566 1.00 67.31 ? 7   DC  B OP1   1 
ATOM   125 O  OP2   . DC  A 1 7  ? -5.282  -2.032  -10.507 1.00 57.33 ? 7   DC  B OP2   1 
ATOM   126 O  "O5'" . DC  A 1 7  ? -5.053  0.443   -9.845  1.00 52.79 ? 7   DC  B "O5'" 1 
ATOM   127 C  "C5'" . DC  A 1 7  ? -5.635  1.707   -9.544  1.00 43.28 ? 7   DC  B "C5'" 1 
ATOM   128 C  "C4'" . DC  A 1 7  ? -4.549  2.735   -9.374  1.00 52.42 ? 7   DC  B "C4'" 1 
ATOM   129 O  "O4'" . DC  A 1 7  ? -3.876  2.480   -8.127  1.00 50.64 ? 7   DC  B "O4'" 1 
ATOM   130 C  "C3'" . DC  A 1 7  ? -3.430  2.670   -10.407 1.00 50.93 ? 7   DC  B "C3'" 1 
ATOM   131 O  "O3'" . DC  A 1 7  ? -3.815  3.317   -11.637 1.00 48.58 ? 7   DC  B "O3'" 1 
ATOM   132 C  "C2'" . DC  A 1 7  ? -2.276  3.337   -9.667  1.00 45.14 ? 7   DC  B "C2'" 1 
ATOM   133 C  "C1'" . DC  A 1 7  ? -2.647  3.191   -8.185  1.00 50.49 ? 7   DC  B "C1'" 1 
ATOM   134 N  N1    . DC  A 1 7  ? -1.669  2.424   -7.422  1.00 44.85 ? 7   DC  B N1    1 
ATOM   135 C  C2    . DC  A 1 7  ? -1.255  2.896   -6.169  1.00 42.63 ? 7   DC  B C2    1 
ATOM   136 O  O2    . DC  A 1 7  ? -1.657  4.006   -5.778  1.00 41.64 ? 7   DC  B O2    1 
ATOM   137 N  N3    . DC  A 1 7  ? -0.368  2.166   -5.457  1.00 40.30 ? 7   DC  B N3    1 
ATOM   138 C  C4    . DC  A 1 7  ? 0.077   1.001   -5.935  1.00 41.00 ? 7   DC  B C4    1 
ATOM   139 N  N4    . DC  A 1 7  ? 0.931   0.308   -5.191  1.00 44.82 ? 7   DC  B N4    1 
ATOM   140 C  C5    . DC  A 1 7  ? -0.432  0.439   -7.140  1.00 45.07 ? 7   DC  B C5    1 
ATOM   141 C  C6    . DC  A 1 7  ? -1.282  1.186   -7.855  1.00 43.12 ? 7   DC  B C6    1 
ATOM   142 P  P     . DC  A 1 8  ? -3.262  2.751   -13.037 1.00 49.92 ? 8   DC  B P     1 
ATOM   143 O  OP1   . DC  A 1 8  ? -4.010  3.431   -14.120 1.00 55.32 ? 8   DC  B OP1   1 
ATOM   144 O  OP2   . DC  A 1 8  ? -3.192  1.305   -12.967 1.00 43.63 ? 8   DC  B OP2   1 
ATOM   145 O  "O5'" . DC  A 1 8  ? -1.789  3.333   -13.116 1.00 41.59 ? 8   DC  B "O5'" 1 
ATOM   146 C  "C5'" . DC  A 1 8  ? -1.597  4.764   -13.176 1.00 38.05 ? 8   DC  B "C5'" 1 
ATOM   147 C  "C4'" . DC  A 1 8  ? -0.122  5.080   -13.112 1.00 40.94 ? 8   DC  B "C4'" 1 
ATOM   148 O  "O4'" . DC  A 1 8  ? 0.376   4.726   -11.812 1.00 41.37 ? 8   DC  B "O4'" 1 
ATOM   149 C  "C3'" . DC  A 1 8  ? 0.776   4.292   -14.052 1.00 40.53 ? 8   DC  B "C3'" 1 
ATOM   150 O  "O3'" . DC  A 1 8  ? 0.751   4.893   -15.335 1.00 39.02 ? 8   DC  B "O3'" 1 
ATOM   151 C  "C2'" . DC  A 1 8  ? 2.129   4.368   -13.360 1.00 40.32 ? 8   DC  B "C2'" 1 
ATOM   152 C  "C1'" . DC  A 1 8  ? 1.786   4.548   -11.888 1.00 38.98 ? 8   DC  B "C1'" 1 
ATOM   153 N  N1    . DC  A 1 8  ? 2.098   3.427   -10.991 1.00 35.45 ? 8   DC  B N1    1 
ATOM   154 C  C2    . DC  A 1 8  ? 3.130   3.561   -10.043 1.00 36.47 ? 8   DC  B C2    1 
ATOM   155 O  O2    . DC  A 1 8  ? 3.782   4.615   -10.010 1.00 40.30 ? 8   DC  B O2    1 
ATOM   156 N  N3    . DC  A 1 8  ? 3.330   2.571   -9.148  1.00 35.03 ? 8   DC  B N3    1 
ATOM   157 C  C4    . DC  A 1 8  ? 2.612   1.446   -9.226  1.00 35.84 ? 8   DC  B C4    1 
ATOM   158 N  N4    . DC  A 1 8  ? 2.847   0.486   -8.338  1.00 37.42 ? 8   DC  B N4    1 
ATOM   159 C  C5    . DC  A 1 8  ? 1.576   1.274   -10.203 1.00 36.23 ? 8   DC  B C5    1 
ATOM   160 C  C6    . DC  A 1 8  ? 1.347   2.284   -11.039 1.00 35.31 ? 8   DC  B C6    1 
ATOM   161 P  P     . DG  A 1 9  ? 1.233   4.100   -16.607 1.00 40.64 ? 9   DG  B P     1 
ATOM   162 O  OP1   . DG  A 1 9  ? 0.756   4.846   -17.779 1.00 45.38 ? 9   DG  B OP1   1 
ATOM   163 O  OP2   . DG  A 1 9  ? 0.881   2.667   -16.425 1.00 40.28 ? 9   DG  B OP2   1 
ATOM   164 O  "O5'" . DG  A 1 9  ? 2.816   4.345   -16.658 1.00 39.56 ? 9   DG  B "O5'" 1 
ATOM   165 C  "C5'" . DG  A 1 9  ? 3.375   5.637   -16.899 1.00 37.99 ? 9   DG  B "C5'" 1 
ATOM   166 C  "C4'" . DG  A 1 9  ? 4.841   5.577   -16.541 1.00 41.79 ? 9   DG  B "C4'" 1 
ATOM   167 O  "O4'" . DG  A 1 9  ? 4.910   5.223   -15.143 1.00 39.32 ? 9   DG  B "O4'" 1 
ATOM   168 C  "C3'" . DG  A 1 9  ? 5.590   4.470   -17.290 1.00 44.80 ? 9   DG  B "C3'" 1 
ATOM   169 O  "O3'" . DG  A 1 9  ? 6.348   4.994   -18.389 1.00 57.01 ? 9   DG  B "O3'" 1 
ATOM   170 C  "C2'" . DG  A 1 9  ? 6.551   3.915   -16.269 1.00 51.75 ? 9   DG  B "C2'" 1 
ATOM   171 C  "C1'" . DG  A 1 9  ? 5.963   4.287   -14.925 1.00 48.53 ? 9   DG  B "C1'" 1 
ATOM   172 N  N9    . DG  A 1 9  ? 5.464   3.154   -14.136 1.00 41.41 ? 9   DG  B N9    1 
ATOM   173 C  C8    . DG  A 1 9  ? 4.582   2.157   -14.487 1.00 43.03 ? 9   DG  B C8    1 
ATOM   174 N  N7    . DG  A 1 9  ? 4.410   1.267   -13.541 1.00 37.51 ? 9   DG  B N7    1 
ATOM   175 C  C5    . DG  A 1 9  ? 5.234   1.705   -12.509 1.00 38.35 ? 9   DG  B C5    1 
ATOM   176 C  C6    . DG  A 1 9  ? 5.494   1.138   -11.228 1.00 35.45 ? 9   DG  B C6    1 
ATOM   177 O  O6    . DG  A 1 9  ? 5.032   0.108   -10.739 1.00 34.07 ? 9   DG  B O6    1 
ATOM   178 N  N1    . DG  A 1 9  ? 6.395   1.908   -10.497 1.00 35.80 ? 9   DG  B N1    1 
ATOM   179 C  C2    . DG  A 1 9  ? 7.015   3.043   -10.959 1.00 38.78 ? 9   DG  B C2    1 
ATOM   180 N  N2    . DG  A 1 9  ? 7.891   3.624   -10.130 1.00 39.80 ? 9   DG  B N2    1 
ATOM   181 N  N3    . DG  A 1 9  ? 6.797   3.571   -12.156 1.00 36.50 ? 9   DG  B N3    1 
ATOM   182 C  C4    . DG  A 1 9  ? 5.916   2.846   -12.877 1.00 39.00 ? 9   DG  B C4    1 
ATOM   183 P  P     . DG  A 1 10 ? 7.116   4.005   -19.457 1.00 62.49 ? 10  DG  B P     1 
ATOM   184 O  OP1   . DG  A 1 10 ? 7.329   4.788   -20.698 1.00 67.27 ? 10  DG  B OP1   1 
ATOM   185 O  OP2   . DG  A 1 10 ? 6.353   2.730   -19.586 1.00 61.61 ? 10  DG  B OP2   1 
ATOM   186 O  "O5'" . DG  A 1 10 ? 8.530   3.842   -18.714 1.00 58.16 ? 10  DG  B "O5'" 1 
ATOM   187 C  "C5'" . DG  A 1 10 ? 9.244   2.607   -18.628 1.00 48.96 ? 10  DG  B "C5'" 1 
ATOM   188 C  "C4'" . DG  A 1 10 ? 10.651  2.852   -18.140 1.00 44.20 ? 10  DG  B "C4'" 1 
ATOM   189 O  "O4'" . DG  A 1 10 ? 10.681  2.647   -16.711 1.00 46.85 ? 10  DG  B "O4'" 1 
ATOM   190 C  "C3'" . DG  A 1 10 ? 11.694  1.895   -18.724 1.00 47.69 ? 10  DG  B "C3'" 1 
ATOM   191 O  "O3'" . DG  A 1 10 ? 12.269  2.414   -19.932 1.00 47.78 ? 10  DG  B "O3'" 1 
ATOM   192 C  "C2'" . DG  A 1 10 ? 12.710  1.732   -17.607 1.00 43.37 ? 10  DG  B "C2'" 1 
ATOM   193 C  "C1'" . DG  A 1 10 ? 11.873  1.924   -16.334 1.00 44.52 ? 10  DG  B "C1'" 1 
ATOM   194 N  N9    . DG  A 1 10 ? 11.492  0.697   -15.622 1.00 40.37 ? 10  DG  B N9    1 
ATOM   195 C  C8    . DG  A 1 10 ? 11.929  0.338   -14.365 1.00 37.91 ? 10  DG  B C8    1 
ATOM   196 N  N7    . DG  A 1 10 ? 11.441  -0.799  -13.956 1.00 42.73 ? 10  DG  B N7    1 
ATOM   197 C  C5    . DG  A 1 10 ? 10.680  -1.250  -15.024 1.00 41.46 ? 10  DG  B C5    1 
ATOM   198 C  C6    . DG  A 1 10 ? 9.941   -2.446  -15.182 1.00 46.63 ? 10  DG  B C6    1 
ATOM   199 O  O6    . DG  A 1 10 ? 9.788   -3.376  -14.376 1.00 57.29 ? 10  DG  B O6    1 
ATOM   200 N  N1    . DG  A 1 10 ? 9.326   -2.502  -16.422 1.00 44.41 ? 10  DG  B N1    1 
ATOM   201 C  C2    . DG  A 1 10 ? 9.400   -1.527  -17.386 1.00 42.70 ? 10  DG  B C2    1 
ATOM   202 N  N2    . DG  A 1 10 ? 8.734   -1.765  -18.517 1.00 42.10 ? 10  DG  B N2    1 
ATOM   203 N  N3    . DG  A 1 10 ? 10.100  -0.418  -17.263 1.00 42.46 ? 10  DG  B N3    1 
ATOM   204 C  C4    . DG  A 1 10 ? 10.722  -0.348  -16.072 1.00 44.39 ? 10  DG  B C4    1 
ATOM   205 O  "O5'" . DC  B 2 1  ? 13.204  -5.928  -5.655  0.70 85.77 ? 1   DC  A "O5'" 1 
ATOM   206 C  "C5'" . DC  B 2 1  ? 12.928  -5.846  -7.063  0.70 84.42 ? 1   DC  A "C5'" 1 
ATOM   207 C  "C4'" . DC  B 2 1  ? 13.465  -4.548  -7.617  0.70 80.41 ? 1   DC  A "C4'" 1 
ATOM   208 O  "O4'" . DC  B 2 1  ? 13.907  -4.735  -8.979  0.70 82.46 ? 1   DC  A "O4'" 1 
ATOM   209 C  "C3'" . DC  B 2 1  ? 12.457  -3.406  -7.721  0.70 74.32 ? 1   DC  A "C3'" 1 
ATOM   210 O  "O3'" . DC  B 2 1  ? 12.180  -2.632  -6.560  0.70 70.74 ? 1   DC  A "O3'" 1 
ATOM   211 C  "C2'" . DC  B 2 1  ? 13.086  -2.558  -8.803  0.70 73.38 ? 1   DC  A "C2'" 1 
ATOM   212 C  "C1'" . DC  B 2 1  ? 13.401  -3.662  -9.774  0.70 74.19 ? 1   DC  A "C1'" 1 
ATOM   213 N  N1    . DC  B 2 1  ? 12.214  -4.143  -10.504 0.70 72.19 ? 1   DC  A N1    1 
ATOM   214 C  C2    . DC  B 2 1  ? 11.542  -3.240  -11.335 0.70 64.66 ? 1   DC  A C2    1 
ATOM   215 O  O2    . DC  B 2 1  ? 11.974  -2.086  -11.434 0.70 46.47 ? 1   DC  A O2    1 
ATOM   216 N  N3    . DC  B 2 1  ? 10.458  -3.660  -12.029 0.70 70.46 ? 1   DC  A N3    1 
ATOM   217 C  C4    . DC  B 2 1  ? 10.043  -4.926  -11.916 0.70 76.34 ? 1   DC  A C4    1 
ATOM   218 N  N4    . DC  B 2 1  ? 8.970   -5.299  -12.620 0.70 68.70 ? 1   DC  A N4    1 
ATOM   219 C  C5    . DC  B 2 1  ? 10.715  -5.869  -11.084 0.70 71.46 ? 1   DC  A C5    1 
ATOM   220 C  C6    . DC  B 2 1  ? 11.784  -5.439  -10.402 0.70 72.79 ? 1   DC  A C6    1 
ATOM   221 P  P     . DC  B 2 2  ? 13.295  -2.342  -5.489  1.00 75.15 ? 2   DC  A P     1 
ATOM   222 O  OP1   . DC  B 2 2  ? 14.596  -2.093  -6.176  1.00 80.75 ? 2   DC  A OP1   1 
ATOM   223 O  OP2   . DC  B 2 2  ? 13.155  -3.403  -4.424  1.00 66.60 ? 2   DC  A OP2   1 
ATOM   224 O  "O5'" . DC  B 2 2  ? 12.849  -0.932  -4.897  1.00 68.40 ? 2   DC  A "O5'" 1 
ATOM   225 C  "C5'" . DC  B 2 2  ? 11.660  -0.812  -4.088  1.00 48.71 ? 2   DC  A "C5'" 1 
ATOM   226 C  "C4'" . DC  B 2 2  ? 11.272  0.649   -4.021  1.00 41.23 ? 2   DC  A "C4'" 1 
ATOM   227 O  "O4'" . DC  B 2 2  ? 10.766  1.089   -5.302  1.00 39.81 ? 2   DC  A "O4'" 1 
ATOM   228 C  "C3'" . DC  B 2 2  ? 10.177  0.935   -3.000  1.00 43.66 ? 2   DC  A "C3'" 1 
ATOM   229 O  "O3'" . DC  B 2 2  ? 10.750  1.492   -1.805  1.00 41.56 ? 2   DC  A "O3'" 1 
ATOM   230 C  "C2'" . DC  B 2 2  ? 9.267   1.933   -3.695  1.00 36.46 ? 2   DC  A "C2'" 1 
ATOM   231 C  "C1'" . DC  B 2 2  ? 9.531   1.786   -5.156  1.00 37.66 ? 2   DC  A "C1'" 1 
ATOM   232 N  N1    . DC  B 2 2  ? 8.497   1.026   -5.897  1.00 33.75 ? 2   DC  A N1    1 
ATOM   233 C  C2    . DC  B 2 2  ? 8.079   1.509   -7.151  1.00 38.46 ? 2   DC  A C2    1 
ATOM   234 O  O2    . DC  B 2 2  ? 8.521   2.603   -7.558  1.00 37.58 ? 2   DC  A O2    1 
ATOM   235 N  N3    . DC  B 2 2  ? 7.151   0.807   -7.842  1.00 38.25 ? 2   DC  A N3    1 
ATOM   236 C  C4    . DC  B 2 2  ? 6.769   -0.402  -7.407  1.00 42.26 ? 2   DC  A C4    1 
ATOM   237 N  N4    . DC  B 2 2  ? 5.916   -1.105  -8.158  1.00 43.51 ? 2   DC  A N4    1 
ATOM   238 C  C5    . DC  B 2 2  ? 7.225   -0.938  -6.170  1.00 39.67 ? 2   DC  A C5    1 
ATOM   239 C  C6    . DC  B 2 2  ? 8.114   -0.217  -5.475  1.00 40.29 ? 2   DC  A C6    1 
ATOM   240 P  P     . DG  B 2 3  ? 9.850   1.773   -0.507  1.00 44.35 ? 3   DG  A P     1 
ATOM   241 O  OP1   . DG  B 2 3  ? 10.785  2.066   0.639   1.00 45.90 ? 3   DG  A OP1   1 
ATOM   242 O  OP2   . DG  B 2 3  ? 8.830   0.738   -0.387  1.00 43.26 ? 3   DG  A OP2   1 
ATOM   243 O  "O5'" . DG  B 2 3  ? 9.106   3.130   -0.845  1.00 41.33 ? 3   DG  A "O5'" 1 
ATOM   244 C  "C5'" . DG  B 2 3  ? 9.790   4.377   -0.754  1.00 39.08 ? 3   DG  A "C5'" 1 
ATOM   245 C  "C4'" . DG  B 2 3  ? 8.991   5.486   -1.386  1.00 39.97 ? 3   DG  A "C4'" 1 
ATOM   246 O  "O4'" . DG  B 2 3  ? 8.682   5.184   -2.772  1.00 43.26 ? 3   DG  A "O4'" 1 
ATOM   247 C  "C3'" . DG  B 2 3  ? 7.657   5.791   -0.712  1.00 45.88 ? 3   DG  A "C3'" 1 
ATOM   248 O  "O3'" . DG  B 2 3  ? 7.913   6.816   0.257   1.00 47.60 ? 3   DG  A "O3'" 1 
ATOM   249 C  "C2'" . DG  B 2 3  ? 6.818   6.350   -1.851  1.00 41.44 ? 3   DG  A "C2'" 1 
ATOM   250 C  "C1'" . DG  B 2 3  ? 7.350   5.602   -3.073  1.00 43.05 ? 3   DG  A "C1'" 1 
ATOM   251 N  N9    . DG  B 2 3  ? 6.596   4.420   -3.465  1.00 40.80 ? 3   DG  A N9    1 
ATOM   252 C  C8    . DG  B 2 3  ? 6.247   3.347   -2.686  1.00 35.31 ? 3   DG  A C8    1 
ATOM   253 N  N7    . DG  B 2 3  ? 5.615   2.416   -3.350  1.00 39.67 ? 3   DG  A N7    1 
ATOM   254 C  C5    . DG  B 2 3  ? 5.580   2.890   -4.653  1.00 36.15 ? 3   DG  A C5    1 
ATOM   255 C  C6    . DG  B 2 3  ? 4.975   2.339   -5.805  1.00 34.52 ? 3   DG  A C6    1 
ATOM   256 O  O6    . DG  B 2 3  ? 4.384   1.268   -5.915  1.00 37.59 ? 3   DG  A O6    1 
ATOM   257 N  N1    . DG  B 2 3  ? 5.130   3.165   -6.908  1.00 38.58 ? 3   DG  A N1    1 
ATOM   258 C  C2    . DG  B 2 3  ? 5.741   4.391   -6.897  1.00 39.76 ? 3   DG  A C2    1 
ATOM   259 N  N2    . DG  B 2 3  ? 5.772   5.050   -8.065  1.00 37.80 ? 3   DG  A N2    1 
ATOM   260 N  N3    . DG  B 2 3  ? 6.314   4.920   -5.827  1.00 38.20 ? 3   DG  A N3    1 
ATOM   261 C  C4    . DG  B 2 3  ? 6.170   4.127   -4.741  1.00 35.74 ? 3   DG  A C4    1 
ATOM   262 P  P     . DG  B 2 4  ? 7.374   6.655   1.744   1.00 46.46 ? 4   DG  A P     1 
ATOM   263 O  OP1   . DG  B 2 4  ? 7.915   7.827   2.514   1.00 44.39 ? 4   DG  A OP1   1 
ATOM   264 O  OP2   . DG  B 2 4  ? 7.624   5.261   2.161   1.00 46.13 ? 4   DG  A OP2   1 
ATOM   265 O  "O5'" . DG  B 2 4  ? 5.820   6.941   1.581   1.00 45.33 ? 4   DG  A "O5'" 1 
ATOM   266 C  "C5'" . DG  B 2 4  ? 5.426   8.278   1.142   1.00 37.67 ? 4   DG  A "C5'" 1 
ATOM   267 C  "C4'" . DG  B 2 4  ? 3.936   8.391   0.956   1.00 43.23 ? 4   DG  A "C4'" 1 
ATOM   268 O  "O4'" . DG  B 2 4  ? 3.491   7.484   -0.083  1.00 41.89 ? 4   DG  A "O4'" 1 
ATOM   269 C  "C3'" . DG  B 2 4  ? 3.135   8.030   2.208   1.00 41.38 ? 4   DG  A "C3'" 1 
ATOM   270 O  "O3'" . DG  B 2 4  ? 1.936   8.808   2.215   1.00 55.81 ? 4   DG  A "O3'" 1 
ATOM   271 C  "C2'" . DG  B 2 4  ? 2.793   6.577   1.956   1.00 44.27 ? 4   DG  A "C2'" 1 
ATOM   272 C  "C1'" . DG  B 2 4  ? 2.532   6.617   0.443   1.00 36.37 ? 4   DG  A "C1'" 1 
ATOM   273 N  N9    . DG  B 2 4  ? 2.681   5.328   -0.206  1.00 39.07 ? 4   DG  A N9    1 
ATOM   274 C  C8    . DG  B 2 4  ? 3.638   4.381   0.046   1.00 40.90 ? 4   DG  A C8    1 
ATOM   275 N  N7    . DG  B 2 4  ? 3.500   3.311   -0.682  1.00 40.33 ? 4   DG  A N7    1 
ATOM   276 C  C5    . DG  B 2 4  ? 2.425   3.596   -1.512  1.00 36.13 ? 4   DG  A C5    1 
ATOM   277 C  C6    . DG  B 2 4  ? 1.831   2.820   -2.548  1.00 36.75 ? 4   DG  A C6    1 
ATOM   278 O  O6    . DG  B 2 4  ? 2.156   1.690   -2.952  1.00 40.79 ? 4   DG  A O6    1 
ATOM   279 N  N1    . DG  B 2 4  ? 0.736   3.471   -3.110  1.00 39.74 ? 4   DG  A N1    1 
ATOM   280 C  C2    . DG  B 2 4  ? 0.312   4.731   -2.765  1.00 38.62 ? 4   DG  A C2    1 
ATOM   281 N  N2    . DG  B 2 4  ? -0.729  5.215   -3.450  1.00 42.70 ? 4   DG  A N2    1 
ATOM   282 N  N3    . DG  B 2 4  ? 0.874   5.470   -1.817  1.00 41.30 ? 4   DG  A N3    1 
ATOM   283 C  C4    . DG  B 2 4  ? 1.906   4.836   -1.229  1.00 40.66 ? 4   DG  A C4    1 
ATOM   284 P  P     . DC  B 2 5  ? 1.061   9.047   3.591   1.00 57.10 ? 5   DC  A P     1 
ATOM   285 O  OP1   . DC  B 2 5  ? 1.439   10.382  4.099   1.00 62.17 ? 5   DC  A OP1   1 
ATOM   286 O  OP2   . DC  B 2 5  ? 1.208   7.868   4.485   1.00 51.62 ? 5   DC  A OP2   1 
ATOM   287 O  "O5'" . DC  B 2 5  ? -0.438  8.981   3.050   1.00 53.13 ? 5   DC  A "O5'" 1 
ATOM   288 C  "C5'" . DC  B 2 5  ? -0.887  9.764   1.944   1.00 48.65 ? 5   DC  A "C5'" 1 
ATOM   289 C  "C4'" . DC  B 2 5  ? -2.153  9.182   1.364   1.00 50.85 ? 5   DC  A "C4'" 1 
ATOM   290 O  "O4'" . DC  B 2 5  ? -1.828  8.023   0.586   1.00 49.56 ? 5   DC  A "O4'" 1 
ATOM   291 C  "C3'" . DC  B 2 5  ? -3.233  8.760   2.368   1.00 54.09 ? 5   DC  A "C3'" 1 
ATOM   292 O  "O3'" . DC  B 2 5  ? -4.427  9.523   2.140   1.00 66.65 ? 5   DC  A "O3'" 1 
ATOM   293 C  "C2'" . DC  B 2 5  ? -3.487  7.294   2.074   1.00 50.49 ? 5   DC  A "C2'" 1 
ATOM   294 C  "C1'" . DC  B 2 5  ? -2.795  7.010   0.759   1.00 53.02 ? 5   DC  A "C1'" 1 
ATOM   295 N  N1    . DC  B 2 5  ? -2.090  5.717   0.695   1.00 47.26 ? 5   DC  A N1    1 
ATOM   296 C  C2    . DC  B 2 5  ? -2.538  4.733   -0.195  1.00 47.74 ? 5   DC  A C2    1 
ATOM   297 O  O2    . DC  B 2 5  ? -3.542  4.950   -0.870  1.00 49.48 ? 5   DC  A O2    1 
ATOM   298 N  N3    . DC  B 2 5  ? -1.855  3.566   -0.297  1.00 49.20 ? 5   DC  A N3    1 
ATOM   299 C  C4    . DC  B 2 5  ? -0.760  3.374   0.436   1.00 45.63 ? 5   DC  A C4    1 
ATOM   300 N  N4    . DC  B 2 5  ? -0.115  2.211   0.304   1.00 48.76 ? 5   DC  A N4    1 
ATOM   301 C  C5    . DC  B 2 5  ? -0.276  4.368   1.345   1.00 45.95 ? 5   DC  A C5    1 
ATOM   302 C  C6    . DC  B 2 5  ? -0.961  5.512   1.437   1.00 48.99 ? 5   DC  A C6    1 
ATOM   303 P  P     . DT  B 2 6  ? -5.616  9.515   3.240   1.00 69.70 ? 6   DT  A P     1 
ATOM   304 O  OP1   . DT  B 2 6  ? -6.146  10.902  3.338   1.00 82.80 ? 6   DT  A OP1   1 
ATOM   305 O  OP2   . DT  B 2 6  ? -5.082  8.810   4.444   1.00 62.81 ? 6   DT  A OP2   1 
ATOM   306 O  "O5'" . DT  B 2 6  ? -6.723  8.604   2.571   1.00 58.34 ? 6   DT  A "O5'" 1 
ATOM   307 C  "C5'" . DT  B 2 6  ? -6.719  7.267   2.985   1.00 58.17 ? 6   DT  A "C5'" 1 
ATOM   308 C  "C4'" . DT  B 2 6  ? -7.551  6.417   2.070   1.00 63.09 ? 6   DT  A "C4'" 1 
ATOM   309 O  "O4'" . DT  B 2 6  ? -6.739  5.525   1.289   1.00 59.58 ? 6   DT  A "O4'" 1 
ATOM   310 C  "C3'" . DT  B 2 6  ? -8.475  5.564   2.915   1.00 61.19 ? 6   DT  A "C3'" 1 
ATOM   311 O  "O3'" . DT  B 2 6  ? -9.727  6.220   2.725   1.00 68.96 ? 6   DT  A "O3'" 1 
ATOM   312 C  "C2'" . DT  B 2 6  ? -8.212  4.121   2.501   1.00 61.05 ? 6   DT  A "C2'" 1 
ATOM   313 C  "C1'" . DT  B 2 6  ? -7.059  4.156   1.520   1.00 65.02 ? 6   DT  A "C1'" 1 
ATOM   314 N  N1    . DT  B 2 6  ? -5.802  3.463   1.915   1.00 47.91 ? 6   DT  A N1    1 
ATOM   315 C  C2    . DT  B 2 6  ? -5.466  2.292   1.267   1.00 46.78 ? 6   DT  A C2    1 
ATOM   316 O  O2    . DT  B 2 6  ? -6.191  1.738   0.462   1.00 49.61 ? 6   DT  A O2    1 
ATOM   317 N  N3    . DT  B 2 6  ? -4.251  1.774   1.623   1.00 51.05 ? 6   DT  A N3    1 
ATOM   318 C  C4    . DT  B 2 6  ? -3.347  2.302   2.521   1.00 48.48 ? 6   DT  A C4    1 
ATOM   319 O  O4    . DT  B 2 6  ? -2.279  1.727   2.717   1.00 51.35 ? 6   DT  A O4    1 
ATOM   320 C  C5    . DT  B 2 6  ? -3.754  3.538   3.156   1.00 46.32 ? 6   DT  A C5    1 
ATOM   321 C  C7    . DT  B 2 6  ? -2.830  4.197   4.130   1.00 56.80 ? 6   DT  A C7    1 
ATOM   322 C  C6    . DT  B 2 6  ? -4.937  4.060   2.810   1.00 49.53 ? 6   DT  A C6    1 
ATOM   323 P  P     . DC  B 2 7  ? -10.808 6.165   3.872   1.00 65.05 ? 7   DC  A P     1 
ATOM   324 O  OP1   . DC  B 2 7  ? -12.051 6.827   3.376   1.00 88.21 ? 7   DC  A OP1   1 
ATOM   325 O  OP2   . DC  B 2 7  ? -10.154 6.636   5.149   1.00 56.15 ? 7   DC  A OP2   1 
ATOM   326 O  "O5'" . DC  B 2 7  ? -11.106 4.616   3.826   1.00 55.85 ? 7   DC  A "O5'" 1 
ATOM   327 C  "C5'" . DC  B 2 7  ? -10.450 3.846   4.749   1.00 57.46 ? 7   DC  A "C5'" 1 
ATOM   328 C  "C4'" . DC  B 2 7  ? -10.759 2.413   4.441   1.00 62.66 ? 7   DC  A "C4'" 1 
ATOM   329 O  "O4'" . DC  B 2 7  ? -9.640  1.818   3.752   1.00 58.19 ? 7   DC  A "O4'" 1 
ATOM   330 C  "C3'" . DC  B 2 7  ? -10.929 1.693   5.758   1.00 56.17 ? 7   DC  A "C3'" 1 
ATOM   331 O  "O3'" . DC  B 2 7  ? -12.346 1.740   6.018   1.00 47.35 ? 7   DC  A "O3'" 1 
ATOM   332 C  "C2'" . DC  B 2 7  ? -10.156 0.397   5.581   1.00 50.07 ? 7   DC  A "C2'" 1 
ATOM   333 C  "C1'" . DC  B 2 7  ? -9.208  0.653   4.407   1.00 53.64 ? 7   DC  A "C1'" 1 
ATOM   334 N  N1    . DC  B 2 7  ? -7.801  0.856   4.785   1.00 47.30 ? 7   DC  A N1    1 
ATOM   335 C  C2    . DC  B 2 7  ? -6.831  0.052   4.186   1.00 42.90 ? 7   DC  A C2    1 
ATOM   336 O  O2    . DC  B 2 7  ? -7.190  -0.837  3.398   1.00 43.28 ? 7   DC  A O2    1 
ATOM   337 N  N3    . DC  B 2 7  ? -5.534  0.220   4.531   1.00 40.81 ? 7   DC  A N3    1 
ATOM   338 C  C4    . DC  B 2 7  ? -5.193  1.171   5.402   1.00 43.72 ? 7   DC  A C4    1 
ATOM   339 N  N4    . DC  B 2 7  ? -3.907  1.296   5.716   1.00 41.73 ? 7   DC  A N4    1 
ATOM   340 C  C5    . DC  B 2 7  ? -6.151  2.070   5.948   1.00 45.37 ? 7   DC  A C5    1 
ATOM   341 C  C6    . DC  B 2 7  ? -7.435  1.872   5.622   1.00 41.68 ? 7   DC  A C6    1 
ATOM   342 P  P     . DC  B 2 8  ? -12.859 2.232   7.440   1.00 49.42 ? 8   DC  A P     1 
ATOM   343 O  OP1   . DC  B 2 8  ? -14.336 2.092   7.454   1.00 50.16 ? 8   DC  A OP1   1 
ATOM   344 O  OP2   . DC  B 2 8  ? -12.213 3.492   7.786   1.00 41.77 ? 8   DC  A OP2   1 
ATOM   345 O  "O5'" . DC  B 2 8  ? -12.304 1.154   8.449   1.00 41.79 ? 8   DC  A "O5'" 1 
ATOM   346 C  "C5'" . DC  B 2 8  ? -12.806 -0.181  8.378   1.00 39.07 ? 8   DC  A "C5'" 1 
ATOM   347 C  "C4'" . DC  B 2 8  ? -12.024 -1.046  9.337   1.00 40.44 ? 8   DC  A "C4'" 1 
ATOM   348 O  "O4'" . DC  B 2 8  ? -10.665 -1.151  8.877   1.00 39.61 ? 8   DC  A "O4'" 1 
ATOM   349 C  "C3'" . DC  B 2 8  ? -11.871 -0.476  10.739  1.00 43.91 ? 8   DC  A "C3'" 1 
ATOM   350 O  "O3'" . DC  B 2 8  ? -13.072 -0.747  11.441  1.00 41.34 ? 8   DC  A "O3'" 1 
ATOM   351 C  "C2'" . DC  B 2 8  ? -10.632 -1.196  11.250  1.00 42.21 ? 8   DC  A "C2'" 1 
ATOM   352 C  "C1'" . DC  B 2 8  ? -9.839  -1.511  9.987   1.00 37.04 ? 8   DC  A "C1'" 1 
ATOM   353 N  N1    . DC  B 2 8  ? -8.562  -0.812  9.798   1.00 36.06 ? 8   DC  A N1    1 
ATOM   354 C  C2    . DC  B 2 8  ? -7.356  -1.540  9.861   1.00 35.27 ? 8   DC  A C2    1 
ATOM   355 O  O2    . DC  B 2 8  ? -7.401  -2.757  10.112  1.00 38.03 ? 8   DC  A O2    1 
ATOM   356 N  N3    . DC  B 2 8  ? -6.191  -0.904  9.602   1.00 35.70 ? 8   DC  A N3    1 
ATOM   357 C  C4    . DC  B 2 8  ? -6.189  0.411   9.358   1.00 33.10 ? 8   DC  A C4    1 
ATOM   358 N  N4    . DC  B 2 8  ? -5.024  1.004   9.093   1.00 35.04 ? 8   DC  A N4    1 
ATOM   359 C  C5    . DC  B 2 8  ? -7.400  1.177   9.307   1.00 35.58 ? 8   DC  A C5    1 
ATOM   360 C  C6    . DC  B 2 8  ? -8.548  0.529   9.522   1.00 36.73 ? 8   DC  A C6    1 
ATOM   361 P  P     . DG  B 2 9  ? -13.423 -0.023  12.815  1.00 40.60 ? 9   DG  A P     1 
ATOM   362 O  OP1   . DG  B 2 9  ? -14.834 -0.315  13.143  1.00 43.53 ? 9   DG  A OP1   1 
ATOM   363 O  OP2   . DG  B 2 9  ? -12.937 1.351   12.759  1.00 40.06 ? 9   DG  A OP2   1 
ATOM   364 O  "O5'" . DG  B 2 9  ? -12.654 -0.864  13.926  1.00 37.82 ? 9   DG  A "O5'" 1 
ATOM   365 C  "C5'" . DG  B 2 9  ? -13.019 -2.204  14.257  1.00 36.98 ? 9   DG  A "C5'" 1 
ATOM   366 C  "C4'" . DG  B 2 9  ? -11.891 -2.812  15.053  1.00 42.74 ? 9   DG  A "C4'" 1 
ATOM   367 O  "O4'" . DG  B 2 9  ? -10.708 -2.800  14.221  1.00 40.17 ? 9   DG  A "O4'" 1 
ATOM   368 C  "C3'" . DG  B 2 9  ? -11.523 -2.010  16.301  1.00 44.07 ? 9   DG  A "C3'" 1 
ATOM   369 O  "O3'" . DG  B 2 9  ? -12.151 -2.609  17.430  1.00 50.41 ? 9   DG  A "O3'" 1 
ATOM   370 C  "C2'" . DG  B 2 9  ? -10.032 -2.204  16.424  1.00 48.91 ? 9   DG  A "C2'" 1 
ATOM   371 C  "C1'" . DG  B 2 9  ? -9.562  -2.479  15.022  1.00 48.12 ? 9   DG  A "C1'" 1 
ATOM   372 N  N9    . DG  B 2 9  ? -8.815  -1.390  14.387  1.00 42.76 ? 9   DG  A N9    1 
ATOM   373 C  C8    . DG  B 2 9  ? -9.158  -0.071  14.196  1.00 43.33 ? 9   DG  A C8    1 
ATOM   374 N  N7    . DG  B 2 9  ? -8.222  0.622   13.598  1.00 38.43 ? 9   DG  A N7    1 
ATOM   375 C  C5    . DG  B 2 9  ? -7.201  -0.298  13.384  1.00 39.34 ? 9   DG  A C5    1 
ATOM   376 C  C6    . DG  B 2 9  ? -5.900  -0.126  12.833  1.00 38.22 ? 9   DG  A C6    1 
ATOM   377 O  O6    . DG  B 2 9  ? -5.389  0.898   12.368  1.00 38.18 ? 9   DG  A O6    1 
ATOM   378 N  N1    . DG  B 2 9  ? -5.180  -1.317  12.838  1.00 36.93 ? 9   DG  A N1    1 
ATOM   379 C  C2    . DG  B 2 9  ? -5.616  -2.501  13.382  1.00 40.25 ? 9   DG  A C2    1 
ATOM   380 N  N2    . DG  B 2 9  ? -4.762  -3.530  13.347  1.00 36.66 ? 9   DG  A N2    1 
ATOM   381 N  N3    . DG  B 2 9  ? -6.803  -2.664  13.933  1.00 39.15 ? 9   DG  A N3    1 
ATOM   382 C  C4    . DG  B 2 9  ? -7.537  -1.531  13.903  1.00 40.09 ? 9   DG  A C4    1 
ATOM   383 P  P     . DG  B 2 10 ? -11.998 -1.985  18.917  1.00 60.26 ? 10  DG  A P     1 
ATOM   384 O  OP1   . DG  B 2 10 ? -12.856 -2.798  19.819  1.00 73.55 ? 10  DG  A OP1   1 
ATOM   385 O  OP2   . DG  B 2 10 ? -12.237 -0.522  18.836  1.00 52.31 ? 10  DG  A OP2   1 
ATOM   386 O  "O5'" . DG  B 2 10 ? -10.488 -2.392  19.271  1.00 50.25 ? 10  DG  A "O5'" 1 
ATOM   387 C  "C5'" . DG  B 2 10 ? -9.700  -1.614  20.189  1.00 45.33 ? 10  DG  A "C5'" 1 
ATOM   388 C  "C4'" . DG  B 2 10 ? -8.651  -2.469  20.849  1.00 42.65 ? 10  DG  A "C4'" 1 
ATOM   389 O  "O4'" . DG  B 2 10 ? -7.497  -2.562  19.973  1.00 50.24 ? 10  DG  A "O4'" 1 
ATOM   390 C  "C3'" . DG  B 2 10 ? -8.134  -1.880  22.158  1.00 49.70 ? 10  DG  A "C3'" 1 
ATOM   391 O  "O3'" . DG  B 2 10 ? -8.897  -2.317  23.291  1.00 48.12 ? 10  DG  A "O3'" 1 
ATOM   392 C  "C2'" . DG  B 2 10 ? -6.686  -2.342  22.214  1.00 46.70 ? 10  DG  A "C2'" 1 
ATOM   393 C  "C1'" . DG  B 2 10 ? -6.282  -2.443  20.743  1.00 44.10 ? 10  DG  A "C1'" 1 
ATOM   394 N  N9    . DG  B 2 10 ? -5.492  -1.325  20.226  1.00 40.44 ? 10  DG  A N9    1 
ATOM   395 C  C8    . DG  B 2 10 ? -4.203  -1.410  19.745  1.00 39.31 ? 10  DG  A C8    1 
ATOM   396 N  N7    . DG  B 2 10 ? -3.735  -0.268  19.330  1.00 42.97 ? 10  DG  A N7    1 
ATOM   397 C  C5    . DG  B 2 10 ? -4.761  0.631   19.566  1.00 41.88 ? 10  DG  A C5    1 
ATOM   398 C  C6    . DG  B 2 10 ? -4.834  2.023   19.316  1.00 45.81 ? 10  DG  A C6    1 
ATOM   399 O  O6    . DG  B 2 10 ? -3.967  2.768   18.842  1.00 54.04 ? 10  DG  A O6    1 
ATOM   400 N  N1    . DG  B 2 10 ? -6.059  2.544   19.705  1.00 42.25 ? 10  DG  A N1    1 
ATOM   401 C  C2    . DG  B 2 10 ? -7.092  1.817   20.251  1.00 44.43 ? 10  DG  A C2    1 
ATOM   402 N  N2    . DG  B 2 10 ? -8.204  2.491   20.529  1.00 47.41 ? 10  DG  A N2    1 
ATOM   403 N  N3    . DG  B 2 10 ? -7.047  0.516   20.467  1.00 42.54 ? 10  DG  A N3    1 
ATOM   404 C  C4    . DG  B 2 10 ? -5.855  -0.007  20.122  1.00 45.86 ? 10  DG  A C4    1 
HETATM 405 BA BA    . BA  C 3 .  ? 0.694   -0.797  5.634   1.00 40.57 ? 101 BA  B BA    1 
HETATM 406 RU RU    . RKL D 4 .  ? -8.646  -6.327  4.340   1.00 36.56 ? 102 RKL B RU    1 
HETATM 407 C  C1    . RKL D 4 .  ? -11.180 -6.681  5.511   1.00 40.97 ? 102 RKL B C1    1 
HETATM 408 N  N1    . RKL D 4 .  ? -8.909  -7.273  6.183   1.00 37.05 ? 102 RKL B N1    1 
HETATM 409 C  C2    . RKL D 4 .  ? -11.572 -5.671  3.401   1.00 40.03 ? 102 RKL B C2    1 
HETATM 410 N  N2    . RKL D 4 .  ? -10.737 -6.310  4.257   1.00 37.03 ? 102 RKL B N2    1 
HETATM 411 C  C3    . RKL D 4 .  ? -12.953 -5.615  3.666   1.00 38.24 ? 102 RKL B C3    1 
HETATM 412 N  N3    . RKL D 4 .  ? -14.311 -6.930  7.498   1.00 39.18 ? 102 RKL B N3    1 
HETATM 413 C  C4    . RKL D 4 .  ? -13.425 -6.023  4.919   1.00 41.27 ? 102 RKL B C4    1 
HETATM 414 N  N4    . RKL D 4 .  ? -12.493 -8.018  9.313   1.00 36.18 ? 102 RKL B N4    1 
HETATM 415 C  C5    . RKL D 4 .  ? -12.557 -6.620  5.844   1.00 36.35 ? 102 RKL B C5    1 
HETATM 416 N  N5    . RKL D 4 .  ? -8.576  -4.588  5.350   1.00 34.41 ? 102 RKL B N5    1 
HETATM 417 C  C6    . RKL D 4 .  ? -13.013 -7.035  7.165   1.00 38.38 ? 102 RKL B C6    1 
HETATM 418 N  N6    . RKL D 4 .  ? -7.835  -2.168  6.627   1.00 37.94 ? 102 RKL B N6    1 
HETATM 419 C  C7    . RKL D 4 .  ? -12.085 -7.611  8.095   1.00 35.22 ? 102 RKL B C7    1 
HETATM 420 N  N7    . RKL D 4 .  ? -3.862  -5.757  5.124   1.00 35.35 ? 102 RKL B N7    1 
HETATM 421 C  C8    . RKL D 4 .  ? -10.707 -7.722  7.743   1.00 31.79 ? 102 RKL B C8    1 
HETATM 422 N  N8    . RKL D 4 .  ? -6.531  -6.285  4.504   1.00 35.69 ? 102 RKL B N8    1 
HETATM 423 C  C9    . RKL D 4 .  ? -9.730  -8.282  8.623   1.00 34.81 ? 102 RKL B C9    1 
HETATM 424 N  N9    . RKL D 4 .  ? -8.659  -8.126  3.223   1.00 36.25 ? 102 RKL B N9    1 
HETATM 425 C  C10   . RKL D 4 .  ? -10.248 -7.235  6.469   1.00 38.39 ? 102 RKL B C10   1 
HETATM 426 N  N10   . RKL D 4 .  ? -8.515  -10.102 1.289   1.00 43.75 ? 102 RKL B N10   1 
HETATM 427 C  C11   . RKL D 4 .  ? -8.406  -8.367  8.212   1.00 34.33 ? 102 RKL B C11   1 
HETATM 428 N  N11   . RKL D 4 .  ? -8.154  -4.793  -0.180  1.00 34.87 ? 102 RKL B N11   1 
HETATM 429 C  C12   . RKL D 4 .  ? -7.986  -7.844  6.992   1.00 39.72 ? 102 RKL B C12   1 
HETATM 430 N  N12   . RKL D 4 .  ? -8.421  -5.429  2.423   1.00 31.97 ? 102 RKL B N12   1 
HETATM 431 C  C13   . RKL D 4 .  ? -13.833 -7.890  9.647   1.00 35.88 ? 102 RKL B C13   1 
HETATM 432 C  C14   . RKL D 4 .  ? -14.282 -8.321  10.883  1.00 35.68 ? 102 RKL B C14   1 
HETATM 433 C  C15   . RKL D 4 .  ? -14.734 -7.360  8.711   1.00 39.48 ? 102 RKL B C15   1 
HETATM 434 C  C16   . RKL D 4 .  ? -16.100 -7.247  9.058   1.00 43.94 ? 102 RKL B C16   1 
HETATM 435 C  C17   . RKL D 4 .  ? -16.553 -7.667  10.316  1.00 39.56 ? 102 RKL B C17   1 
HETATM 436 C  C18   . RKL D 4 .  ? -15.664 -8.190  11.245  1.00 38.50 ? 102 RKL B C18   1 
HETATM 437 C  C19   . RKL D 4 .  ? -7.243  -4.228  5.588   1.00 36.42 ? 102 RKL B C19   1 
HETATM 438 C  C20   . RKL D 4 .  ? -9.527  -3.704  5.723   1.00 37.07 ? 102 RKL B C20   1 
HETATM 439 C  C21   . RKL D 4 .  ? -9.133  -2.503  6.358   1.00 39.42 ? 102 RKL B C21   1 
HETATM 440 C  C22   . RKL D 4 .  ? -6.895  -3.037  6.209   1.00 31.86 ? 102 RKL B C22   1 
HETATM 441 C  C23   . RKL D 4 .  ? -5.519  -2.751  6.463   1.00 37.38 ? 102 RKL B C23   1 
HETATM 442 C  C24   . RKL D 4 .  ? -4.516  -3.649  6.058   1.00 38.12 ? 102 RKL B C24   1 
HETATM 443 C  C25   . RKL D 4 .  ? -4.832  -4.822  5.437   1.00 37.16 ? 102 RKL B C25   1 
HETATM 444 C  C26   . RKL D 4 .  ? -6.208  -5.132  5.181   1.00 36.18 ? 102 RKL B C26   1 
HETATM 445 C  C27   . RKL D 4 .  ? -4.247  -6.862  4.471   1.00 37.19 ? 102 RKL B C27   1 
HETATM 446 C  C28   . RKL D 4 .  ? -5.585  -7.155  4.217   1.00 36.10 ? 102 RKL B C28   1 
HETATM 447 C  C29   . RKL D 4 .  ? -8.441  -7.818  1.875   1.00 35.53 ? 102 RKL B C29   1 
HETATM 448 C  C30   . RKL D 4 .  ? -8.658  -9.432  3.537   1.00 39.39 ? 102 RKL B C30   1 
HETATM 449 C  C31   . RKL D 4 .  ? -8.636  -10.411 2.567   1.00 40.30 ? 102 RKL B C31   1 
HETATM 450 C  C32   . RKL D 4 .  ? -8.403  -8.818  0.899   1.00 42.28 ? 102 RKL B C32   1 
HETATM 451 C  C33   . RKL D 4 .  ? -8.224  -8.469  -0.458  1.00 43.02 ? 102 RKL B C33   1 
HETATM 452 C  C34   . RKL D 4 .  ? -8.141  -7.121  -0.795  1.00 38.74 ? 102 RKL B C34   1 
HETATM 453 C  C35   . RKL D 4 .  ? -8.186  -6.113  0.164   1.00 37.29 ? 102 RKL B C35   1 
HETATM 454 C  C36   . RKL D 4 .  ? -8.392  -6.433  1.508   1.00 39.01 ? 102 RKL B C36   1 
HETATM 455 C  C37   . RKL D 4 .  ? -8.212  -3.841  0.723   1.00 33.62 ? 102 RKL B C37   1 
HETATM 456 C  C38   . RKL D 4 .  ? -8.408  -4.148  2.087   1.00 37.54 ? 102 RKL B C38   1 
HETATM 457 RU RU    . RKL E 4 .  ? 12.659  2.950   -9.446  1.00 36.42 ? 103 RKL B RU    1 
HETATM 458 C  C1    . RKL E 4 .  ? 10.781  2.366   -11.442 1.00 36.13 ? 103 RKL B C1    1 
HETATM 459 N  N1    . RKL E 4 .  ? 11.239  1.423   -9.223  1.00 39.61 ? 103 RKL B N1    1 
HETATM 460 C  C2    . RKL E 4 .  ? 11.842  4.414   -12.064 1.00 40.35 ? 103 RKL B C2    1 
HETATM 461 N  N2    . RKL E 4 .  ? 11.687  3.375   -11.237 1.00 36.20 ? 103 RKL B N2    1 
HETATM 462 C  C3    . RKL E 4 .  ? 11.107  4.420   -13.256 1.00 37.65 ? 103 RKL B C3    1 
HETATM 463 N  N3    . RKL E 4 .  ? 8.450   1.221   -14.103 1.00 37.74 ? 103 RKL B N3    1 
HETATM 464 C  C4    . RKL E 4 .  ? 10.199  3.392   -13.573 1.00 33.98 ? 103 RKL B C4    1 
HETATM 465 N  N4    . RKL E 4 .  ? 8.111   -0.817  -12.193 1.00 37.87 ? 103 RKL B N4    1 
HETATM 466 C  C5    . RKL E 4 .  ? 10.011  2.328   -12.655 1.00 32.83 ? 103 RKL B C5    1 
HETATM 467 N  N5    . RKL E 4 .  ? 11.397  4.199   -8.274  1.00 36.44 ? 103 RKL B N5    1 
HETATM 468 C  C6    . RKL E 4 .  ? 9.100   1.266   -12.922 1.00 34.14 ? 103 RKL B C6    1 
HETATM 469 N  N6    . RKL E 4 .  ? 10.246  5.716   -6.270  1.00 40.78 ? 103 RKL B N6    1 
HETATM 470 C  C7    . RKL E 4 .  ? 8.964   0.206   -11.974 1.00 40.54 ? 103 RKL B C7    1 
HETATM 471 N  N7    . RKL E 4 .  ? 14.430  2.370   -5.035  1.00 36.84 ? 103 RKL B N7    1 
HETATM 472 C  C8    . RKL E 4 .  ? 9.668   0.277   -10.723 1.00 39.29 ? 103 RKL B C8    1 
HETATM 473 N  N8    . RKL E 4 .  ? 13.573  2.519   -7.579  1.00 34.13 ? 103 RKL B N8    1 
HETATM 474 C  C9    . RKL E 4 .  ? 9.546   -0.751  -9.790  1.00 37.91 ? 103 RKL B C9    1 
HETATM 475 N  N9    . RKL E 4 .  ? 13.931  1.776   -10.507 1.00 35.50 ? 103 RKL B N9    1 
HETATM 476 C  C10   . RKL E 4 .  ? 10.605  1.314   -10.457 1.00 40.69 ? 103 RKL B C10   1 
HETATM 477 N  N10   . RKL E 4 .  ? 16.060  0.577   -11.907 1.00 37.71 ? 103 RKL B N10   1 
HETATM 478 C  C11   . RKL E 4 .  ? 10.268  -0.679  -8.577  1.00 37.78 ? 103 RKL B C11   1 
HETATM 479 N  N11   . RKL E 4 .  ? 16.326  5.970   -10.614 1.00 34.95 ? 103 RKL B N11   1 
HETATM 480 C  C12   . RKL E 4 .  ? 11.196  0.368   -8.369  1.00 37.61 ? 103 RKL B C12   1 
HETATM 481 N  N12   . RKL E 4 .  ? 14.146  4.448   -9.751  1.00 35.46 ? 103 RKL B N12   1 
HETATM 482 C  C13   . RKL E 4 .  ? 7.439   -0.863  -13.363 1.00 39.40 ? 103 RKL B C13   1 
HETATM 483 C  C14   . RKL E 4 .  ? 6.574   -1.962  -13.616 1.00 42.30 ? 103 RKL B C14   1 
HETATM 484 C  C15   . RKL E 4 .  ? 7.588   0.162   -14.344 1.00 36.31 ? 103 RKL B C15   1 
HETATM 485 C  C16   . RKL E 4 .  ? 6.891   0.061   -15.565 1.00 34.30 ? 103 RKL B C16   1 
HETATM 486 C  C17   . RKL E 4 .  ? 6.009   -1.025  -15.797 1.00 41.01 ? 103 RKL B C17   1 
HETATM 487 C  C18   . RKL E 4 .  ? 5.853   -2.010  -14.813 1.00 39.73 ? 103 RKL B C18   1 
HETATM 488 C  C19   . RKL E 4 .  ? 11.883  4.174   -6.949  1.00 37.47 ? 103 RKL B C19   1 
HETATM 489 C  C20   . RKL E 4 .  ? 10.418  5.053   -8.564  1.00 41.19 ? 103 RKL B C20   1 
HETATM 490 C  C21   . RKL E 4 .  ? 9.804   5.804   -7.547  1.00 40.86 ? 103 RKL B C21   1 
HETATM 491 C  C22   . RKL E 4 .  ? 11.282  4.921   -5.938  1.00 40.63 ? 103 RKL B C22   1 
HETATM 492 C  C23   . RKL E 4 .  ? 11.748  4.859   -4.601  1.00 41.89 ? 103 RKL B C23   1 
HETATM 493 C  C24   . RKL E 4 .  ? 12.779  3.985   -4.320  1.00 39.89 ? 103 RKL B C24   1 
HETATM 494 C  C25   . RKL E 4 .  ? 13.401  3.226   -5.316  1.00 39.81 ? 103 RKL B C25   1 
HETATM 495 C  C26   . RKL E 4 .  ? 12.959  3.293   -6.638  1.00 40.17 ? 103 RKL B C26   1 
HETATM 496 C  C27   . RKL E 4 .  ? 15.004  1.639   -5.929  1.00 36.21 ? 103 RKL B C27   1 
HETATM 497 C  C28   . RKL E 4 .  ? 14.549  1.663   -7.265  1.00 40.00 ? 103 RKL B C28   1 
HETATM 498 C  C29   . RKL E 4 .  ? 15.052  2.482   -10.852 1.00 37.31 ? 103 RKL B C29   1 
HETATM 499 C  C30   . RKL E 4 .  ? 13.952  0.472   -10.831 1.00 35.00 ? 103 RKL B C30   1 
HETATM 500 C  C31   . RKL E 4 .  ? 15.005  -0.074  -11.554 1.00 37.59 ? 103 RKL B C31   1 
HETATM 501 C  C32   . RKL E 4 .  ? 16.103  1.861   -11.524 1.00 31.48 ? 103 RKL B C32   1 
HETATM 502 C  C33   . RKL E 4 .  ? 17.233  2.650   -11.914 1.00 37.54 ? 103 RKL B C33   1 
HETATM 503 C  C34   . RKL E 4 .  ? 17.273  4.001   -11.569 1.00 34.70 ? 103 RKL B C34   1 
HETATM 504 C  C35   . RKL E 4 .  ? 16.279  4.610   -10.888 1.00 36.45 ? 103 RKL B C35   1 
HETATM 505 C  C36   . RKL E 4 .  ? 15.124  3.872   -10.517 1.00 35.07 ? 103 RKL B C36   1 
HETATM 506 C  C37   . RKL E 4 .  ? 15.288  6.462   -9.927  1.00 36.17 ? 103 RKL B C37   1 
HETATM 507 C  C38   . RKL E 4 .  ? 14.177  5.725   -9.536  1.00 35.04 ? 103 RKL B C38   1 
HETATM 508 BA BA    . BA  F 3 .  ? 4.316   0.422   -1.545  1.00 40.11 ? 101 BA  A BA    1 
HETATM 509 O  O     . HOH G 5 .  ? 10.978  1.926   -21.907 1.00 57.21 ? 201 HOH B O     1 
HETATM 510 O  O     . HOH G 5 .  ? 5.889   -1.833  6.974   1.00 51.46 ? 202 HOH B O     1 
HETATM 511 O  O     . HOH G 5 .  ? 3.430   -1.948  -11.201 1.00 44.03 ? 203 HOH B O     1 
HETATM 512 O  O     . HOH G 5 .  ? 2.600   -0.628  -13.987 1.00 51.80 ? 204 HOH B O     1 
HETATM 513 O  O     . HOH G 5 .  ? 1.853   -0.944  -1.605  1.00 40.20 ? 205 HOH B O     1 
HETATM 514 O  O     . HOH G 5 .  ? -8.373  -3.960  -2.760  1.00 54.46 ? 206 HOH B O     1 
HETATM 515 O  O     . HOH G 5 .  ? -0.690  0.769   7.515   1.00 41.35 ? 207 HOH B O     1 
HETATM 516 O  O     . HOH G 5 .  ? 3.216   -4.648  3.360   1.00 47.30 ? 208 HOH B O     1 
HETATM 517 O  O     . HOH G 5 .  ? 13.915  4.604   -19.388 1.00 44.64 ? 209 HOH B O     1 
HETATM 518 O  O     . HOH G 5 .  ? -0.924  1.040   -17.828 1.00 67.91 ? 210 HOH B O     1 
HETATM 519 O  O     . HOH G 5 .  ? 2.882   0.918   -17.358 1.00 52.27 ? 211 HOH B O     1 
HETATM 520 O  O     . HOH G 5 .  ? -5.109  -5.717  1.028   1.00 38.30 ? 212 HOH B O     1 
HETATM 521 O  O     . HOH G 5 .  ? -6.568  4.544   -13.599 1.00 61.97 ? 213 HOH B O     1 
HETATM 522 O  O     . HOH G 5 .  ? 3.279   7.129   -8.781  1.00 40.48 ? 214 HOH B O     1 
HETATM 523 O  O     . HOH G 5 .  ? 2.210   -0.838  8.022   1.00 40.33 ? 215 HOH B O     1 
HETATM 524 O  O     . HOH G 5 .  ? -1.216  3.460   10.385  1.00 58.79 ? 216 HOH B O     1 
HETATM 525 O  O     . HOH G 5 .  ? 1.568   -1.972  -9.284  1.00 48.84 ? 217 HOH B O     1 
HETATM 526 O  O     . HOH G 5 .  ? -5.019  -6.851  8.149   1.00 45.19 ? 218 HOH B O     1 
HETATM 527 O  O     . HOH G 5 .  ? 2.461   -2.901  5.602   1.00 39.65 ? 219 HOH B O     1 
HETATM 528 O  O     . HOH G 5 .  ? -7.426  -12.291 -0.391  1.00 47.70 ? 220 HOH B O     1 
HETATM 529 O  O     . HOH G 5 .  ? 9.451   8.115   -4.659  1.00 51.66 ? 221 HOH B O     1 
HETATM 530 O  O     . HOH G 5 .  ? 1.599   -1.036  2.986   1.00 43.36 ? 222 HOH B O     1 
HETATM 531 O  O     . HOH G 5 .  ? -16.599 -5.303  6.168   1.00 54.48 ? 223 HOH B O     1 
HETATM 532 O  O     . HOH G 5 .  ? 1.821   -2.426  -6.387  1.00 49.58 ? 224 HOH B O     1 
HETATM 533 O  O     . HOH G 5 .  ? 2.087   3.710   -20.458 1.00 71.11 ? 225 HOH B O     1 
HETATM 534 O  O     . HOH G 5 .  ? 2.891   1.067   9.947   1.00 51.71 ? 226 HOH B O     1 
HETATM 535 O  O     . HOH G 5 .  ? -7.565  -1.185  -2.807  0.50 43.00 ? 227 HOH B O     1 
HETATM 536 O  O     . HOH G 5 .  ? -6.032  -7.531  11.219  1.00 37.21 ? 228 HOH B O     1 
HETATM 537 O  O     . HOH G 5 .  ? -6.595  -9.091  -3.497  1.00 49.53 ? 229 HOH B O     1 
HETATM 538 O  O     . HOH G 5 .  ? -5.054  -8.448  1.308   1.00 47.17 ? 230 HOH B O     1 
HETATM 539 O  O     . HOH G 5 .  ? -1.471  -1.384  -10.229 1.00 62.31 ? 231 HOH B O     1 
HETATM 540 O  O     . HOH G 5 .  ? 13.890  7.093   -6.645  1.00 47.69 ? 232 HOH B O     1 
HETATM 541 O  O     . HOH G 5 .  ? 2.214   -3.534  0.808   1.00 49.72 ? 233 HOH B O     1 
HETATM 542 O  O     . HOH G 5 .  ? 11.376  7.687   -10.652 0.50 33.59 ? 234 HOH B O     1 
HETATM 543 O  O     . HOH G 5 .  ? -5.983  -10.477 5.526   0.50 33.36 ? 235 HOH B O     1 
HETATM 544 O  O     . HOH G 5 .  ? -4.567  -10.158 3.042   1.00 54.52 ? 236 HOH B O     1 
HETATM 545 O  O     . HOH G 5 .  ? 4.753   -4.288  -11.109 1.00 50.47 ? 237 HOH B O     1 
HETATM 546 O  O     . HOH G 5 .  ? -8.247  2.887   -5.380  1.00 56.48 ? 238 HOH B O     1 
HETATM 547 O  O     . HOH G 5 .  ? 2.767   1.222   5.640   1.00 41.04 ? 239 HOH B O     1 
HETATM 548 O  O     . HOH G 5 .  ? -12.642 2.750   -8.764  1.00 56.53 ? 240 HOH B O     1 
HETATM 549 O  O     . HOH H 5 .  ? -10.833 -0.963  23.957  1.00 58.69 ? 201 HOH A O     1 
HETATM 550 O  O     . HOH H 5 .  ? -0.220  1.585   4.282   1.00 40.10 ? 202 HOH A O     1 
HETATM 551 O  O     . HOH H 5 .  ? 4.211   -0.565  -4.020  1.00 41.42 ? 203 HOH A O     1 
HETATM 552 O  O     . HOH H 5 .  ? -8.808  3.174   12.962  1.00 49.82 ? 204 HOH A O     1 
HETATM 553 O  O     . HOH H 5 .  ? -5.931  3.520   11.960  1.00 48.05 ? 205 HOH A O     1 
HETATM 554 O  O     . HOH H 5 .  ? 5.728   3.298   2.421   1.00 45.84 ? 206 HOH A O     1 
HETATM 555 O  O     . HOH H 5 .  ? -0.317  8.065   -1.743  1.00 37.95 ? 207 HOH A O     1 
HETATM 556 O  O     . HOH H 5 .  ? -11.720 2.249   15.099  1.00 51.76 ? 208 HOH A O     1 
HETATM 557 O  O     . HOH H 5 .  ? -7.787  -5.007  8.506   1.00 40.55 ? 209 HOH A O     1 
HETATM 558 O  O     . HOH H 5 .  ? 6.123   1.336   0.120   1.00 42.92 ? 210 HOH A O     1 
HETATM 559 O  O     . HOH H 5 .  ? -8.400  -5.099  23.627  1.00 44.16 ? 211 HOH A O     1 
HETATM 560 O  O     . HOH H 5 .  ? 5.409   7.629   -6.205  0.50 30.74 ? 212 HOH A O     1 
HETATM 561 O  O     . HOH H 5 .  ? 6.799   -0.441  -2.072  1.00 40.55 ? 213 HOH A O     1 
HETATM 562 O  O     . HOH H 5 .  ? -5.321  3.975   9.287   1.00 52.09 ? 214 HOH A O     1 
HETATM 563 O  O     . HOH H 5 .  ? 5.115   -3.668  -6.754  1.00 56.36 ? 215 HOH A O     1 
HETATM 564 O  O     . HOH H 5 .  ? -5.922  11.140  -0.058  1.00 52.75 ? 216 HOH A O     1 
HETATM 565 O  O     . HOH H 5 .  ? 3.218   0.484   0.950   1.00 46.54 ? 217 HOH A O     1 
HETATM 566 O  O     . HOH H 5 .  ? 7.279   8.013   -8.884  1.00 36.09 ? 218 HOH A O     1 
HETATM 567 O  O     . HOH H 5 .  ? -3.001  12.560  0.794   1.00 50.52 ? 219 HOH A O     1 
HETATM 568 O  O     . HOH H 5 .  ? -8.284  4.619   7.512   1.00 61.30 ? 220 HOH A O     1 
HETATM 569 O  O     . HOH H 5 .  ? 7.228   -7.893  -10.772 1.00 72.06 ? 221 HOH A O     1 
HETATM 570 O  O     . HOH H 5 .  ? 2.482   2.764   2.832   1.00 50.04 ? 222 HOH A O     1 
HETATM 571 O  O     . HOH H 5 .  ? -3.975  4.790   13.213  1.00 63.14 ? 223 HOH A O     1 
HETATM 572 O  O     . HOH H 5 .  ? -10.038 2.895   -0.955  1.00 64.10 ? 224 HOH A O     1 
HETATM 573 O  O     . HOH H 5 .  ? 3.384   11.399  -1.803  1.00 49.88 ? 225 HOH A O     1 
HETATM 574 O  O     . HOH H 5 .  ? 7.961   -2.895  -3.176  1.00 49.85 ? 226 HOH A O     1 
HETATM 575 O  O     . HOH H 5 .  ? 5.489   -3.447  -3.984  1.00 50.19 ? 227 HOH A O     1 
HETATM 576 O  O     . HOH H 5 .  ? 6.744   0.909   4.025   1.00 50.41 ? 228 HOH A O     1 
HETATM 577 O  O     . HOH H 5 .  ? 4.631   -2.215  -0.403  1.00 43.91 ? 229 HOH A O     1 
# 
